data_6XRH
#
_entry.id   6XRH
#
_cell.length_a   184.180
_cell.length_b   58.200
_cell.length_c   67.190
_cell.angle_alpha   90.000
_cell.angle_beta   95.339
_cell.angle_gamma   90.000
#
_symmetry.space_group_name_H-M   'C 1 2 1'
#
loop_
_entity.id
_entity.type
_entity.pdbx_description
1 polymer 'Tryptophan synthase alpha chain'
2 polymer 'Tryptophan synthase beta chain'
3 non-polymer 'DIMETHYL SULFOXIDE'
4 non-polymer SN-GLYCEROL-1-PHOSPHATE
5 non-polymer (E)-N-({3-hydroxy-2-methyl-5-[(phosphonooxy)methyl]pyridin-4-yl}methylidene)-3-[(3S)-2-oxo-2,3-dihydro-1H-indol-3-yl]-L-alanine
6 non-polymer 4-[(E)-({1-carboxy-2-[(3S)-2-oxo-2,3-dihydro-1H-indol-3-yl]ethan-1-id-1-yl}iminio)methyl]-2-methyl-5-[(phosphonooxy)methyl]pyridin-1-ium-3-olate
7 non-polymer 'SODIUM ION'
8 water water
#
loop_
_entity_poly.entity_id
_entity_poly.type
_entity_poly.pdbx_seq_one_letter_code
_entity_poly.pdbx_strand_id
1 'polypeptide(L)'
;MERYENLFAQLNDRREGAFVPFVTLGDPGIEQSLKIIDTLIDAGADALELGVPFSDPLADGPTIQNANLRAFAAGVTPAQ
CFEMLALIREKHPTIPIGLLMYANLVFNNGIDAFYARCEQVGVDSVLVADVPVEESAPFRQAALRHNIAPIFICPPNADD
DLLRQVASYGRGYTYLLSRSGVTGAENRGALPLHHLIEKLKEYHAAPALQGFGISSPEQVSAAVRAGAAGAISGSAIVKI
IEKNLASPKQMLAELRSFVSAMKAASRA
;
A
2 'polypeptide(L)'
;MTTLLNPYFGEFGGMYVPQILMPALNQLEEAFVSAQKDPEFQAQFADLLKNYAGRPTALTKCQNITAGTRTTLYLKREDL
LHGGAHKTNQVLGQALLAKRMGKSEIIAETGAGQHGVASALASALLGLKCRIYMGAKDVERQSPNVFRMRLMGAEVIPVH
SGSATLKDACNEALRDWSGSYETAHYMLGTAAGPHPYPTIVREFQRMIGEETKAQILDKEGRLPDAVIACVGGGSNAIGM
FADFINDTSVGLIGVEPGGHGIETGEHGAPLKHGRVGIYFGMKAPMMQTADGQIEESYSISAGLDFPSVGPQHAYLNSIG
RADYVSITDDEALEAFKTLCRHEGIIPALESSHALAHALKMMREQPEKEQLLVVNLSGRGDKDIFTVHDILKARGEI
;
B
#
loop_
_chem_comp.id
_chem_comp.type
_chem_comp.name
_chem_comp.formula
1GP non-polymer SN-GLYCEROL-1-PHOSPHATE 'C3 H9 O6 P'
DMS non-polymer 'DIMETHYL SULFOXIDE' 'C2 H6 O S'
NA non-polymer 'SODIUM ION' 'Na 1'
VCP non-polymer (E)-N-({3-hydroxy-2-methyl-5-[(phosphonooxy)methyl]pyridin-4-yl}methylidene)-3-[(3S)-2-oxo-2,3-dihydro-1H-indol-3-yl]-L-alanine 'C19 H20 N3 O8 P'
VCS non-polymer 4-[(E)-({1-carboxy-2-[(3S)-2-oxo-2,3-dihydro-1H-indol-3-yl]ethan-1-id-1-yl}iminio)methyl]-2-methyl-5-[(phosphonooxy)methyl]pyridin-1-ium-3-olate 'C19 H20 N3 O8 P'
#
# COMPACT_ATOMS: atom_id res chain seq x y z
N GLU A 2 8.34 36.33 3.14
CA GLU A 2 8.20 35.40 4.25
C GLU A 2 9.50 34.61 4.50
N ARG A 3 9.45 33.61 5.37
CA ARG A 3 10.69 33.13 6.00
C ARG A 3 11.64 32.49 4.99
N TYR A 4 11.12 31.70 4.06
CA TYR A 4 11.99 31.08 3.07
C TYR A 4 12.61 32.14 2.15
N GLU A 5 11.81 33.10 1.73
CA GLU A 5 12.31 34.14 0.84
C GLU A 5 13.39 34.95 1.54
N ASN A 6 13.19 35.25 2.81
CA ASN A 6 14.17 36.01 3.57
C ASN A 6 15.44 35.21 3.81
N LEU A 7 15.30 33.93 4.12
CA LEU A 7 16.48 33.10 4.31
C LEU A 7 17.33 33.06 3.05
N PHE A 8 16.70 32.71 1.92
CA PHE A 8 17.47 32.53 0.69
C PHE A 8 18.08 33.82 0.20
N ALA A 9 17.42 34.96 0.43
CA ALA A 9 18.03 36.24 0.09
C ALA A 9 19.26 36.50 0.94
N GLN A 10 19.18 36.19 2.24
CA GLN A 10 20.33 36.39 3.13
C GLN A 10 21.46 35.43 2.79
N LEU A 11 21.14 34.17 2.51
CA LEU A 11 22.18 33.21 2.14
C LEU A 11 22.84 33.59 0.82
N ASN A 12 22.05 34.06 -0.13
CA ASN A 12 22.60 34.50 -1.41
C ASN A 12 23.57 35.65 -1.21
N ASP A 13 23.22 36.61 -0.35
CA ASP A 13 24.14 37.71 -0.05
C ASP A 13 25.47 37.19 0.44
N ARG A 14 25.44 36.25 1.39
CA ARG A 14 26.66 35.70 1.97
C ARG A 14 27.30 34.62 1.11
N ARG A 15 26.78 34.37 -0.10
CA ARG A 15 27.30 33.31 -0.96
C ARG A 15 27.36 31.98 -0.22
N GLU A 16 26.24 31.63 0.41
CA GLU A 16 26.14 30.43 1.23
C GLU A 16 24.97 29.59 0.75
N GLY A 17 25.11 28.29 0.93
CA GLY A 17 23.99 27.39 0.81
C GLY A 17 23.36 27.14 2.17
N ALA A 18 22.12 26.67 2.14
CA ALA A 18 21.42 26.34 3.37
C ALA A 18 21.72 24.90 3.75
N PHE A 19 21.96 24.67 5.03
CA PHE A 19 21.98 23.32 5.57
C PHE A 19 20.71 23.12 6.39
N VAL A 20 19.94 22.12 6.02
CA VAL A 20 18.60 21.90 6.56
C VAL A 20 18.55 20.49 7.13
N PRO A 21 18.71 20.33 8.44
CA PRO A 21 18.56 19.00 9.04
C PRO A 21 17.09 18.60 9.12
N PHE A 22 16.89 17.29 9.15
CA PHE A 22 15.58 16.70 9.40
C PHE A 22 15.63 15.81 10.63
N VAL A 23 14.61 15.90 11.47
CA VAL A 23 14.39 14.93 12.54
C VAL A 23 12.91 14.63 12.64
N THR A 24 12.60 13.51 13.27
CA THR A 24 11.23 13.15 13.61
C THR A 24 10.88 13.79 14.94
N LEU A 25 9.77 14.53 14.97
CA LEU A 25 9.35 15.20 16.19
C LEU A 25 9.04 14.16 17.27
N GLY A 26 9.58 14.37 18.46
CA GLY A 26 9.32 13.49 19.59
C GLY A 26 10.25 12.30 19.71
N ASP A 27 11.27 12.21 18.84
CA ASP A 27 12.26 11.13 18.91
C ASP A 27 13.46 11.64 19.68
N PRO A 28 13.86 11.01 20.80
CA PRO A 28 13.31 9.81 21.43
C PRO A 28 12.20 10.14 22.42
N GLY A 29 12.04 11.43 22.71
CA GLY A 29 10.95 11.92 23.53
C GLY A 29 10.69 13.36 23.22
N ILE A 30 9.59 13.87 23.77
CA ILE A 30 9.22 15.25 23.52
C ILE A 30 10.31 16.19 24.02
N GLU A 31 10.75 16.00 25.27
CA GLU A 31 11.68 16.95 25.86
C GLU A 31 13.07 16.84 25.23
N GLN A 32 13.55 15.63 24.97
CA GLN A 32 14.84 15.50 24.31
C GLN A 32 14.79 15.96 22.87
N SER A 33 13.64 15.76 22.19
CA SER A 33 13.49 16.24 20.83
C SER A 33 13.59 17.77 20.77
N LEU A 34 12.94 18.47 21.70
CA LEU A 34 13.04 19.93 21.73
C LEU A 34 14.48 20.37 21.99
N LYS A 35 15.19 19.70 22.89
CA LYS A 35 16.60 20.02 23.10
C LYS A 35 17.42 19.73 21.85
N ILE A 36 17.10 18.64 21.16
CA ILE A 36 17.79 18.30 19.92
C ILE A 36 17.62 19.41 18.90
N ILE A 37 16.39 19.88 18.73
CA ILE A 37 16.11 20.91 17.73
C ILE A 37 16.80 22.21 18.09
N ASP A 38 16.77 22.59 19.36
CA ASP A 38 17.50 23.80 19.77
C ASP A 38 18.99 23.66 19.50
N THR A 39 19.53 22.45 19.62
CA THR A 39 20.94 22.23 19.35
C THR A 39 21.26 22.33 17.86
N LEU A 40 20.39 21.76 17.02
CA LEU A 40 20.59 21.85 15.57
C LEU A 40 20.62 23.30 15.11
N ILE A 41 19.73 24.14 15.65
CA ILE A 41 19.70 25.54 15.29
C ILE A 41 20.96 26.25 15.80
N ASP A 42 21.30 26.02 17.07
CA ASP A 42 22.43 26.72 17.65
C ASP A 42 23.75 26.35 16.99
N ALA A 43 23.80 25.20 16.31
CA ALA A 43 25.01 24.73 15.64
C ALA A 43 25.05 25.10 14.16
N GLY A 44 24.02 25.77 13.63
CA GLY A 44 24.12 26.35 12.31
C GLY A 44 23.01 26.01 11.32
N ALA A 45 21.99 25.26 11.75
CA ALA A 45 20.89 24.94 10.85
C ALA A 45 20.23 26.22 10.33
N ASP A 46 20.14 26.34 9.00
CA ASP A 46 19.49 27.48 8.38
C ASP A 46 17.97 27.33 8.37
N ALA A 47 17.48 26.10 8.31
CA ALA A 47 16.06 25.81 8.30
C ALA A 47 15.87 24.46 8.97
N LEU A 48 14.61 24.09 9.13
CA LEU A 48 14.26 22.81 9.71
C LEU A 48 13.29 22.08 8.79
N GLU A 49 13.46 20.77 8.71
CA GLU A 49 12.43 19.87 8.21
C GLU A 49 12.10 18.88 9.32
N LEU A 50 10.83 18.76 9.65
CA LEU A 50 10.40 18.00 10.81
C LEU A 50 9.33 17.03 10.36
N GLY A 51 9.45 15.77 10.78
CA GLY A 51 8.48 14.75 10.48
C GLY A 51 7.55 14.52 11.65
N VAL A 52 6.30 14.23 11.34
CA VAL A 52 5.32 13.81 12.31
C VAL A 52 5.27 12.29 12.29
N PRO A 53 5.48 11.60 13.41
CA PRO A 53 5.54 10.14 13.38
C PRO A 53 4.29 9.56 12.74
N PHE A 54 4.50 8.66 11.78
CA PHE A 54 3.43 8.00 11.06
C PHE A 54 3.61 6.48 11.13
N SER A 55 2.48 5.76 11.16
CA SER A 55 2.52 4.33 11.42
C SER A 55 3.16 3.54 10.29
N ASP A 56 3.09 4.05 9.05
CA ASP A 56 3.56 3.32 7.88
C ASP A 56 4.28 4.28 6.94
N PRO A 57 5.54 4.61 7.24
CA PRO A 57 6.26 5.61 6.43
C PRO A 57 6.91 4.99 5.22
N LEU A 58 6.19 4.92 4.10
CA LEU A 58 6.61 4.16 2.94
C LEU A 58 7.71 4.83 2.12
N ALA A 59 8.12 6.06 2.46
CA ALA A 59 9.24 6.69 1.77
C ALA A 59 10.51 6.66 2.62
N ASP A 60 10.47 6.02 3.78
CA ASP A 60 11.57 6.04 4.71
C ASP A 60 12.21 4.66 4.86
N GLY A 61 13.53 4.65 4.95
CA GLY A 61 14.28 3.46 5.26
C GLY A 61 14.30 3.17 6.74
N PRO A 62 15.06 2.15 7.15
CA PRO A 62 14.99 1.69 8.55
C PRO A 62 15.36 2.75 9.59
N THR A 63 16.33 3.62 9.30
CA THR A 63 16.74 4.61 10.29
C THR A 63 15.55 5.46 10.73
N ILE A 64 14.83 6.04 9.76
CA ILE A 64 13.70 6.89 10.10
C ILE A 64 12.46 6.10 10.49
N GLN A 65 12.34 4.85 10.03
CA GLN A 65 11.32 3.97 10.59
C GLN A 65 11.49 3.82 12.09
N ASN A 66 12.73 3.57 12.52
CA ASN A 66 12.97 3.36 13.94
C ASN A 66 12.81 4.65 14.74
N ALA A 67 13.09 5.80 14.13
CA ALA A 67 12.80 7.07 14.78
C ALA A 67 11.31 7.19 15.09
N ASN A 68 10.47 6.85 14.11
CA ASN A 68 9.03 6.87 14.33
C ASN A 68 8.63 5.91 15.44
N LEU A 69 9.23 4.72 15.47
CA LEU A 69 8.87 3.76 16.52
C LEU A 69 9.25 4.29 17.88
N ARG A 70 10.43 4.91 17.99
CA ARG A 70 10.81 5.51 19.27
C ARG A 70 9.82 6.59 19.68
N ALA A 71 9.41 7.43 18.73
CA ALA A 71 8.43 8.46 19.05
C ALA A 71 7.13 7.83 19.53
N PHE A 72 6.66 6.80 18.84
CA PHE A 72 5.45 6.13 19.28
C PHE A 72 5.64 5.47 20.64
N ALA A 73 6.82 4.92 20.92
CA ALA A 73 7.07 4.34 22.23
C ALA A 73 6.91 5.38 23.33
N ALA A 74 7.29 6.63 23.05
CA ALA A 74 7.11 7.74 23.98
C ALA A 74 5.71 8.35 23.90
N GLY A 75 4.81 7.75 23.14
CA GLY A 75 3.43 8.20 23.10
C GLY A 75 3.20 9.45 22.31
N VAL A 76 4.08 9.77 21.36
CA VAL A 76 3.96 11.01 20.61
C VAL A 76 2.79 10.92 19.65
N THR A 77 1.91 11.92 19.70
CA THR A 77 0.79 12.04 18.79
C THR A 77 0.96 13.27 17.90
N PRO A 78 0.24 13.35 16.80
CA PRO A 78 0.23 14.60 16.03
C PRO A 78 -0.11 15.82 16.87
N ALA A 79 -1.12 15.72 17.75
CA ALA A 79 -1.47 16.87 18.57
C ALA A 79 -0.29 17.35 19.40
N GLN A 80 0.44 16.41 20.01
CA GLN A 80 1.64 16.79 20.75
C GLN A 80 2.69 17.38 19.84
N CYS A 81 2.79 16.88 18.61
CA CYS A 81 3.75 17.45 17.65
C CYS A 81 3.45 18.91 17.39
N PHE A 82 2.18 19.27 17.23
CA PHE A 82 1.82 20.65 16.97
CA PHE A 82 1.85 20.66 16.96
C PHE A 82 2.11 21.54 18.18
N GLU A 83 1.92 21.01 19.39
N GLU A 83 1.95 21.00 19.39
CA GLU A 83 2.34 21.73 20.58
CA GLU A 83 2.34 21.78 20.57
C GLU A 83 3.83 22.04 20.52
C GLU A 83 3.85 22.02 20.60
N MET A 84 4.63 21.04 20.15
CA MET A 84 6.07 21.26 20.00
C MET A 84 6.35 22.34 18.96
N LEU A 85 5.70 22.25 17.82
CA LEU A 85 5.92 23.21 16.75
C LEU A 85 5.64 24.63 17.24
N ALA A 86 4.57 24.81 18.02
CA ALA A 86 4.26 26.13 18.53
C ALA A 86 5.37 26.64 19.43
N LEU A 87 5.90 25.76 20.29
CA LEU A 87 6.98 26.16 21.18
CA LEU A 87 6.98 26.16 21.18
C LEU A 87 8.25 26.47 20.41
N ILE A 88 8.56 25.69 19.37
CA ILE A 88 9.74 25.94 18.56
C ILE A 88 9.62 27.29 17.87
N ARG A 89 8.44 27.61 17.35
CA ARG A 89 8.24 28.90 16.69
C ARG A 89 8.38 30.05 17.69
N GLU A 90 7.92 29.87 18.93
CA GLU A 90 8.07 30.92 19.94
C GLU A 90 9.53 31.19 20.24
N LYS A 91 10.38 30.16 20.18
CA LYS A 91 11.80 30.31 20.47
C LYS A 91 12.54 30.93 19.30
N HIS A 92 12.09 30.66 18.07
CA HIS A 92 12.87 30.95 16.87
C HIS A 92 11.94 31.61 15.86
N PRO A 93 11.84 32.94 15.89
CA PRO A 93 10.84 33.61 15.06
C PRO A 93 11.17 33.66 13.56
N THR A 94 12.43 33.51 13.17
CA THR A 94 12.79 33.70 11.76
C THR A 94 13.13 32.42 11.01
N ILE A 95 13.51 31.35 11.70
CA ILE A 95 13.94 30.16 10.98
C ILE A 95 12.75 29.54 10.25
N PRO A 96 12.88 29.20 8.96
CA PRO A 96 11.80 28.49 8.28
C PRO A 96 11.63 27.11 8.86
N ILE A 97 10.38 26.73 9.09
CA ILE A 97 10.01 25.43 9.60
C ILE A 97 9.15 24.73 8.54
N GLY A 98 9.63 23.61 8.04
CA GLY A 98 8.89 22.82 7.07
C GLY A 98 8.52 21.47 7.68
N LEU A 99 7.33 20.99 7.36
CA LEU A 99 6.90 19.67 7.76
C LEU A 99 7.02 18.71 6.59
N LEU A 100 7.43 17.49 6.90
CA LEU A 100 7.37 16.37 5.97
C LEU A 100 6.29 15.46 6.48
N MET A 101 5.18 15.38 5.75
CA MET A 101 4.00 14.69 6.20
C MET A 101 3.67 13.51 5.29
N TYR A 102 2.97 12.55 5.86
CA TYR A 102 2.29 11.54 5.08
C TYR A 102 0.84 11.94 4.92
N ALA A 103 0.27 11.59 3.75
CA ALA A 103 -1.01 12.14 3.34
C ALA A 103 -2.12 11.86 4.34
N ASN A 104 -2.16 10.65 4.91
CA ASN A 104 -3.29 10.34 5.78
C ASN A 104 -3.35 11.24 7.01
N LEU A 105 -2.19 11.67 7.52
CA LEU A 105 -2.23 12.55 8.68
C LEU A 105 -2.75 13.94 8.31
N VAL A 106 -2.54 14.35 7.06
CA VAL A 106 -3.07 15.63 6.59
C VAL A 106 -4.55 15.53 6.30
N PHE A 107 -4.98 14.40 5.74
CA PHE A 107 -6.35 14.24 5.26
C PHE A 107 -7.30 13.84 6.39
N ASN A 108 -6.77 13.17 7.41
N ASN A 108 -6.82 13.21 7.46
CA ASN A 108 -7.54 12.50 8.45
CA ASN A 108 -7.73 12.46 8.33
C ASN A 108 -8.75 13.30 8.87
C ASN A 108 -8.70 13.35 9.10
N ASN A 109 -8.54 14.37 9.63
N ASN A 109 -8.27 14.52 9.57
CA ASN A 109 -9.62 15.19 10.14
CA ASN A 109 -9.19 15.43 10.26
C ASN A 109 -9.79 16.47 9.33
C ASN A 109 -9.75 16.51 9.34
N GLY A 110 -9.51 16.41 8.04
CA GLY A 110 -9.79 17.52 7.15
C GLY A 110 -8.53 18.22 6.69
N ILE A 111 -8.33 18.27 5.37
CA ILE A 111 -7.15 18.93 4.83
C ILE A 111 -7.08 20.38 5.30
N ASP A 112 -8.19 21.10 5.14
CA ASP A 112 -8.17 22.51 5.51
C ASP A 112 -7.86 22.69 6.99
N ALA A 113 -8.44 21.83 7.84
CA ALA A 113 -8.15 21.94 9.26
C ALA A 113 -6.68 21.69 9.55
N PHE A 114 -6.04 20.81 8.79
CA PHE A 114 -4.63 20.53 9.02
C PHE A 114 -3.78 21.75 8.73
N TYR A 115 -4.00 22.37 7.58
CA TYR A 115 -3.22 23.56 7.24
C TYR A 115 -3.57 24.74 8.14
N ALA A 116 -4.83 24.86 8.55
CA ALA A 116 -5.17 25.91 9.53
C ALA A 116 -4.35 25.75 10.80
N ARG A 117 -4.19 24.52 11.27
CA ARG A 117 -3.39 24.31 12.47
C ARG A 117 -1.92 24.61 12.22
N CYS A 118 -1.40 24.26 11.03
CA CYS A 118 -0.05 24.66 10.67
C CYS A 118 0.12 26.16 10.75
N GLU A 119 -0.84 26.91 10.21
CA GLU A 119 -0.75 28.36 10.28
C GLU A 119 -0.77 28.83 11.74
N GLN A 120 -1.63 28.24 12.57
CA GLN A 120 -1.72 28.66 13.97
C GLN A 120 -0.39 28.52 14.67
N VAL A 121 0.36 27.44 14.41
CA VAL A 121 1.60 27.21 15.14
C VAL A 121 2.81 27.85 14.48
N GLY A 122 2.67 28.38 13.26
CA GLY A 122 3.76 29.09 12.62
C GLY A 122 4.59 28.27 11.67
N VAL A 123 4.05 27.19 11.11
CA VAL A 123 4.75 26.41 10.11
C VAL A 123 4.80 27.19 8.80
N ASP A 124 5.91 27.04 8.06
CA ASP A 124 6.13 27.77 6.82
C ASP A 124 5.83 26.96 5.56
N SER A 125 6.02 25.65 5.58
CA SER A 125 5.81 24.84 4.40
C SER A 125 5.43 23.43 4.80
N VAL A 126 4.79 22.73 3.86
CA VAL A 126 4.40 21.35 4.02
C VAL A 126 4.70 20.58 2.74
N LEU A 127 5.44 19.49 2.88
CA LEU A 127 5.65 18.52 1.81
CA LEU A 127 5.65 18.52 1.81
C LEU A 127 4.90 17.26 2.21
N VAL A 128 4.00 16.81 1.34
CA VAL A 128 3.24 15.58 1.58
C VAL A 128 3.88 14.52 0.70
N ALA A 129 4.48 13.52 1.33
CA ALA A 129 5.40 12.65 0.62
C ALA A 129 4.70 11.77 -0.41
N ASP A 130 3.44 11.40 -0.16
CA ASP A 130 2.71 10.49 -1.04
C ASP A 130 1.57 11.20 -1.78
N VAL A 131 1.72 12.50 -2.02
CA VAL A 131 0.78 13.27 -2.83
C VAL A 131 1.57 13.87 -3.99
N PRO A 132 1.55 13.25 -5.17
CA PRO A 132 2.23 13.86 -6.32
C PRO A 132 1.49 15.10 -6.80
N VAL A 133 2.17 15.88 -7.64
N VAL A 133 2.18 15.88 -7.65
CA VAL A 133 1.57 17.13 -8.12
CA VAL A 133 1.59 17.12 -8.15
C VAL A 133 0.22 16.86 -8.77
C VAL A 133 0.23 16.86 -8.76
N GLU A 134 0.07 15.69 -9.40
CA GLU A 134 -1.18 15.36 -10.08
C GLU A 134 -2.35 15.24 -9.12
N GLU A 135 -2.11 14.94 -7.84
CA GLU A 135 -3.15 14.81 -6.83
C GLU A 135 -3.20 16.00 -5.88
N SER A 136 -2.42 17.05 -6.15
CA SER A 136 -2.12 18.03 -5.11
C SER A 136 -3.18 19.13 -4.95
N ALA A 137 -4.14 19.25 -5.85
CA ALA A 137 -4.99 20.45 -5.88
C ALA A 137 -5.56 20.83 -4.52
N PRO A 138 -6.29 19.95 -3.84
CA PRO A 138 -6.88 20.35 -2.55
C PRO A 138 -5.84 20.62 -1.48
N PHE A 139 -4.66 20.00 -1.59
CA PHE A 139 -3.59 20.23 -0.63
C PHE A 139 -2.95 21.59 -0.84
N ARG A 140 -2.56 21.90 -2.09
CA ARG A 140 -1.89 23.17 -2.30
C ARG A 140 -2.83 24.34 -2.12
N GLN A 141 -4.10 24.16 -2.49
CA GLN A 141 -5.09 25.22 -2.25
C GLN A 141 -5.24 25.50 -0.76
N ALA A 142 -5.35 24.44 0.04
CA ALA A 142 -5.45 24.63 1.48
C ALA A 142 -4.20 25.28 2.03
N ALA A 143 -3.02 24.84 1.56
CA ALA A 143 -1.78 25.43 2.03
C ALA A 143 -1.75 26.92 1.75
N LEU A 144 -1.98 27.31 0.49
CA LEU A 144 -1.90 28.71 0.13
C LEU A 144 -2.95 29.55 0.87
N ARG A 145 -4.13 28.97 1.07
CA ARG A 145 -5.19 29.64 1.80
C ARG A 145 -4.77 29.96 3.22
N HIS A 146 -3.87 29.16 3.79
CA HIS A 146 -3.40 29.36 5.16
C HIS A 146 -1.97 29.89 5.21
N ASN A 147 -1.51 30.50 4.12
N ASN A 147 -1.48 30.49 4.12
CA ASN A 147 -0.18 31.09 4.02
CA ASN A 147 -0.17 31.12 4.10
C ASN A 147 0.92 30.07 4.33
C ASN A 147 0.96 30.10 4.24
N ILE A 148 0.71 28.85 3.85
CA ILE A 148 1.69 27.77 3.94
C ILE A 148 2.22 27.49 2.54
N ALA A 149 3.53 27.34 2.41
CA ALA A 149 4.11 27.01 1.11
C ALA A 149 3.91 25.52 0.84
N PRO A 150 3.30 25.15 -0.29
CA PRO A 150 3.25 23.73 -0.68
C PRO A 150 4.54 23.35 -1.38
N ILE A 151 5.22 22.32 -0.86
CA ILE A 151 6.51 21.87 -1.39
C ILE A 151 6.26 20.71 -2.34
N PHE A 152 6.93 20.74 -3.48
CA PHE A 152 6.86 19.65 -4.44
C PHE A 152 8.24 19.09 -4.71
N ILE A 153 8.26 17.82 -5.12
CA ILE A 153 9.49 17.07 -5.32
C ILE A 153 9.84 17.10 -6.80
N CYS A 154 11.12 17.36 -7.09
CA CYS A 154 11.66 17.19 -8.42
C CYS A 154 12.47 15.90 -8.42
N PRO A 155 11.94 14.80 -8.95
CA PRO A 155 12.69 13.55 -8.91
C PRO A 155 13.72 13.52 -10.02
N PRO A 156 14.72 12.64 -9.92
CA PRO A 156 15.76 12.61 -10.96
C PRO A 156 15.25 12.18 -12.33
N ASN A 157 14.10 11.52 -12.40
CA ASN A 157 13.48 11.16 -13.67
C ASN A 157 12.47 12.21 -14.14
N ALA A 158 12.55 13.43 -13.63
CA ALA A 158 11.57 14.45 -14.02
C ALA A 158 11.63 14.72 -15.52
N ASP A 159 10.47 14.90 -16.13
CA ASP A 159 10.36 15.37 -17.51
C ASP A 159 9.99 16.84 -17.50
N ASP A 160 9.90 17.43 -18.70
CA ASP A 160 9.77 18.87 -18.79
C ASP A 160 8.43 19.35 -18.30
N ASP A 161 7.35 18.64 -18.66
CA ASP A 161 6.02 19.03 -18.18
C ASP A 161 5.97 19.00 -16.66
N LEU A 162 6.64 18.04 -16.03
CA LEU A 162 6.70 18.03 -14.58
C LEU A 162 7.53 19.20 -14.05
N LEU A 163 8.66 19.50 -14.72
CA LEU A 163 9.46 20.65 -14.31
C LEU A 163 8.61 21.91 -14.28
N ARG A 164 7.83 22.15 -15.33
CA ARG A 164 7.01 23.36 -15.38
C ARG A 164 5.93 23.34 -14.30
N GLN A 165 5.37 22.16 -14.01
CA GLN A 165 4.36 22.08 -12.96
C GLN A 165 4.95 22.43 -11.60
N VAL A 166 6.06 21.77 -11.25
CA VAL A 166 6.66 22.04 -9.94
CA VAL A 166 6.69 22.03 -9.95
C VAL A 166 7.10 23.49 -9.83
N ALA A 167 7.70 24.03 -10.88
CA ALA A 167 8.11 25.43 -10.86
C ALA A 167 6.90 26.35 -10.69
N SER A 168 5.75 25.95 -11.22
CA SER A 168 4.58 26.82 -11.20
C SER A 168 3.80 26.72 -9.89
N TYR A 169 3.62 25.51 -9.37
CA TYR A 169 2.77 25.29 -8.22
C TYR A 169 3.52 25.34 -6.89
N GLY A 170 4.84 25.15 -6.91
CA GLY A 170 5.59 25.10 -5.67
C GLY A 170 5.94 26.48 -5.15
N ARG A 171 6.13 26.55 -3.83
CA ARG A 171 6.55 27.78 -3.17
C ARG A 171 7.56 27.43 -2.10
N GLY A 172 8.33 28.43 -1.69
CA GLY A 172 9.30 28.26 -0.61
C GLY A 172 10.61 27.64 -1.06
N TYR A 173 10.59 26.34 -1.31
CA TYR A 173 11.74 25.64 -1.89
C TYR A 173 11.23 24.47 -2.72
N THR A 174 12.09 23.99 -3.62
CA THR A 174 11.82 22.79 -4.39
C THR A 174 12.65 21.65 -3.82
N TYR A 175 12.02 20.51 -3.57
CA TYR A 175 12.74 19.36 -3.04
C TYR A 175 13.37 18.61 -4.21
N LEU A 176 14.69 18.70 -4.33
CA LEU A 176 15.44 18.03 -5.39
C LEU A 176 15.91 16.69 -4.87
N LEU A 177 15.32 15.61 -5.37
CA LEU A 177 15.72 14.27 -4.96
C LEU A 177 17.09 13.92 -5.51
N SER A 178 17.94 13.33 -4.65
CA SER A 178 19.26 12.91 -5.06
C SER A 178 19.23 11.63 -5.89
N ARG A 179 18.24 10.78 -5.64
CA ARG A 179 18.26 9.43 -6.16
C ARG A 179 16.88 8.82 -5.94
N SER A 180 16.66 7.68 -6.59
CA SER A 180 15.49 6.86 -6.32
C SER A 180 15.65 6.15 -4.98
N GLY A 181 14.61 5.44 -4.58
CA GLY A 181 14.62 4.70 -3.34
C GLY A 181 14.00 5.47 -2.19
N VAL A 182 14.34 5.03 -0.98
CA VAL A 182 13.79 5.61 0.24
C VAL A 182 14.92 6.30 1.01
N THR A 183 14.53 7.06 2.03
CA THR A 183 15.52 7.78 2.82
C THR A 183 16.56 6.81 3.36
N GLY A 184 17.79 7.30 3.54
CA GLY A 184 18.85 6.47 4.06
C GLY A 184 20.23 7.02 3.83
N ALA A 185 21.03 7.09 4.89
CA ALA A 185 22.35 7.69 4.78
C ALA A 185 23.33 6.78 4.03
N GLU A 186 23.14 5.46 4.14
CA GLU A 186 24.08 4.54 3.51
C GLU A 186 24.05 4.64 1.99
N ASN A 187 22.90 5.01 1.42
CA ASN A 187 22.72 5.09 -0.03
C ASN A 187 22.98 6.53 -0.47
N ARG A 188 24.11 6.74 -1.15
CA ARG A 188 24.50 8.06 -1.62
C ARG A 188 24.01 8.25 -3.05
N GLY A 189 23.37 9.38 -3.32
CA GLY A 189 23.01 9.72 -4.68
C GLY A 189 24.23 10.19 -5.45
N ALA A 190 24.48 9.56 -6.59
CA ALA A 190 25.65 9.84 -7.41
C ALA A 190 25.32 10.43 -8.78
N LEU A 191 24.06 10.49 -9.16
CA LEU A 191 23.70 10.96 -10.48
C LEU A 191 23.83 12.49 -10.54
N PRO A 192 24.42 13.04 -11.60
CA PRO A 192 24.55 14.50 -11.70
C PRO A 192 23.19 15.16 -11.86
N LEU A 193 22.97 16.24 -11.12
CA LEU A 193 21.69 16.93 -11.10
C LEU A 193 21.77 18.34 -11.66
N HIS A 194 22.90 18.74 -12.26
CA HIS A 194 23.02 20.10 -12.77
C HIS A 194 21.91 20.44 -13.75
N HIS A 195 21.54 19.48 -14.62
CA HIS A 195 20.56 19.76 -15.66
C HIS A 195 19.21 20.15 -15.06
N LEU A 196 18.74 19.38 -14.07
CA LEU A 196 17.47 19.71 -13.43
C LEU A 196 17.56 21.05 -12.70
N ILE A 197 18.64 21.28 -11.96
CA ILE A 197 18.79 22.54 -11.24
C ILE A 197 18.67 23.72 -12.21
N GLU A 198 19.28 23.60 -13.39
CA GLU A 198 19.26 24.69 -14.36
C GLU A 198 17.87 24.93 -14.90
N LYS A 199 17.14 23.87 -15.22
CA LYS A 199 15.78 24.02 -15.76
C LYS A 199 14.86 24.66 -14.72
N LEU A 200 14.95 24.20 -13.47
CA LEU A 200 14.14 24.81 -12.43
C LEU A 200 14.38 26.31 -12.37
N LYS A 201 15.64 26.74 -12.47
CA LYS A 201 15.93 28.16 -12.41
C LYS A 201 15.36 28.89 -13.61
N GLU A 202 15.46 28.29 -14.80
CA GLU A 202 14.88 28.89 -15.99
C GLU A 202 13.39 29.10 -15.83
N TYR A 203 12.68 28.13 -15.26
CA TYR A 203 11.25 28.23 -15.07
C TYR A 203 10.86 28.97 -13.80
N HIS A 204 11.84 29.54 -13.09
CA HIS A 204 11.58 30.38 -11.93
C HIS A 204 10.97 29.59 -10.78
N ALA A 205 11.41 28.34 -10.62
CA ALA A 205 10.99 27.52 -9.52
C ALA A 205 11.53 28.07 -8.21
N ALA A 206 10.94 27.63 -7.11
CA ALA A 206 11.49 27.99 -5.81
C ALA A 206 12.85 27.32 -5.64
N PRO A 207 13.75 27.93 -4.88
CA PRO A 207 15.13 27.43 -4.80
C PRO A 207 15.18 25.98 -4.37
N ALA A 208 16.15 25.24 -4.93
CA ALA A 208 16.22 23.80 -4.76
C ALA A 208 17.03 23.42 -3.53
N LEU A 209 16.50 22.53 -2.72
CA LEU A 209 17.24 21.87 -1.66
C LEU A 209 17.33 20.39 -1.99
N GLN A 210 18.55 19.86 -2.01
CA GLN A 210 18.75 18.46 -2.37
C GLN A 210 18.65 17.60 -1.12
N GLY A 211 17.96 16.46 -1.26
CA GLY A 211 17.78 15.57 -0.13
C GLY A 211 17.77 14.12 -0.56
N PHE A 212 18.02 13.24 0.42
CA PHE A 212 18.19 11.79 0.30
C PHE A 212 19.67 11.43 0.19
N GLY A 213 20.17 10.68 1.16
CA GLY A 213 21.52 10.17 1.11
C GLY A 213 22.62 11.15 1.48
N ILE A 214 22.27 12.39 1.82
CA ILE A 214 23.27 13.39 2.18
C ILE A 214 23.71 13.12 3.61
N SER A 215 24.95 12.66 3.77
CA SER A 215 25.44 12.31 5.09
C SER A 215 26.86 12.80 5.37
N SER A 216 27.48 13.54 4.46
CA SER A 216 28.85 13.99 4.63
C SER A 216 28.96 15.44 4.19
N PRO A 217 29.91 16.19 4.74
CA PRO A 217 30.09 17.58 4.29
C PRO A 217 30.45 17.69 2.82
N GLU A 218 31.16 16.69 2.27
CA GLU A 218 31.51 16.73 0.86
C GLU A 218 30.28 16.73 -0.02
N GLN A 219 29.22 16.05 0.40
CA GLN A 219 27.98 16.04 -0.37
C GLN A 219 27.27 17.38 -0.29
N VAL A 220 27.37 18.06 0.84
CA VAL A 220 26.76 19.38 0.96
C VAL A 220 27.42 20.37 0.00
N SER A 221 28.75 20.45 0.06
CA SER A 221 29.45 21.38 -0.84
C SER A 221 29.23 21.01 -2.30
N ALA A 222 29.09 19.71 -2.59
CA ALA A 222 28.88 19.30 -3.98
C ALA A 222 27.52 19.77 -4.49
N ALA A 223 26.49 19.68 -3.65
CA ALA A 223 25.17 20.15 -4.05
C ALA A 223 25.17 21.67 -4.24
N VAL A 224 25.82 22.39 -3.33
CA VAL A 224 25.92 23.85 -3.48
C VAL A 224 26.70 24.18 -4.76
N ARG A 225 27.84 23.50 -4.95
N ARG A 225 27.83 23.50 -4.95
CA ARG A 225 28.64 23.74 -6.14
CA ARG A 225 28.65 23.74 -6.13
C ARG A 225 27.86 23.47 -7.41
C ARG A 225 27.88 23.46 -7.42
N ALA A 226 26.94 22.52 -7.38
CA ALA A 226 26.15 22.17 -8.56
C ALA A 226 25.02 23.16 -8.83
N GLY A 227 24.78 24.11 -7.93
CA GLY A 227 23.74 25.11 -8.12
C GLY A 227 22.61 25.04 -7.13
N ALA A 228 22.50 23.98 -6.34
CA ALA A 228 21.42 23.89 -5.36
C ALA A 228 21.59 24.96 -4.30
N ALA A 229 20.45 25.46 -3.80
CA ALA A 229 20.47 26.47 -2.76
C ALA A 229 20.80 25.90 -1.39
N GLY A 230 20.77 24.58 -1.24
CA GLY A 230 21.05 24.00 0.06
C GLY A 230 20.90 22.49 0.00
N ALA A 231 21.04 21.86 1.16
CA ALA A 231 20.97 20.41 1.26
C ALA A 231 20.27 20.01 2.55
N ILE A 232 19.53 18.92 2.48
CA ILE A 232 18.77 18.38 3.61
C ILE A 232 19.43 17.06 4.02
N SER A 233 19.54 16.84 5.32
CA SER A 233 20.11 15.59 5.84
C SER A 233 19.24 15.12 6.99
N GLY A 234 18.74 13.89 6.88
CA GLY A 234 17.86 13.33 7.89
C GLY A 234 18.44 12.10 8.56
N SER A 235 18.58 11.01 7.81
CA SER A 235 19.04 9.75 8.41
C SER A 235 20.39 9.92 9.11
N ALA A 236 21.30 10.69 8.52
CA ALA A 236 22.57 10.96 9.17
C ALA A 236 22.37 11.54 10.55
N ILE A 237 21.46 12.50 10.68
CA ILE A 237 21.17 13.11 11.98
C ILE A 237 20.53 12.09 12.90
N VAL A 238 19.60 11.30 12.36
CA VAL A 238 18.83 10.38 13.20
C VAL A 238 19.71 9.28 13.77
N LYS A 239 20.72 8.84 13.01
CA LYS A 239 21.61 7.79 13.49
C LYS A 239 22.38 8.25 14.72
N ILE A 240 22.65 9.55 14.83
CA ILE A 240 23.32 10.07 16.01
C ILE A 240 22.40 9.98 17.22
N ILE A 241 21.14 10.35 17.05
CA ILE A 241 20.14 10.15 18.09
C ILE A 241 20.11 8.68 18.49
N GLU A 242 20.01 7.79 17.50
CA GLU A 242 19.91 6.35 17.76
C GLU A 242 21.15 5.85 18.48
N LYS A 243 22.33 6.18 17.98
CA LYS A 243 23.58 5.70 18.58
C LYS A 243 23.73 6.13 20.03
N ASN A 244 23.06 7.21 20.47
CA ASN A 244 23.31 7.81 21.78
C ASN A 244 22.06 7.82 22.66
N LEU A 245 21.09 6.96 22.41
CA LEU A 245 19.84 6.99 23.17
C LEU A 245 20.08 6.99 24.66
N ALA A 246 21.02 6.15 25.13
CA ALA A 246 21.28 6.05 26.56
C ALA A 246 22.25 7.10 27.08
N SER A 247 22.69 8.04 26.24
CA SER A 247 23.63 9.09 26.62
C SER A 247 23.13 10.42 26.09
N PRO A 248 22.06 10.96 26.69
CA PRO A 248 21.45 12.18 26.14
C PRO A 248 22.42 13.33 25.95
N LYS A 249 23.35 13.55 26.90
CA LYS A 249 24.26 14.68 26.76
C LYS A 249 25.22 14.46 25.59
N GLN A 250 25.89 13.31 25.55
CA GLN A 250 26.78 13.03 24.43
C GLN A 250 26.05 13.09 23.10
N MET A 251 24.75 12.75 23.08
CA MET A 251 23.97 12.87 21.85
C MET A 251 23.97 14.31 21.36
N LEU A 252 23.58 15.25 22.21
CA LEU A 252 23.55 16.66 21.81
C LEU A 252 24.94 17.12 21.37
N ALA A 253 25.99 16.64 22.05
CA ALA A 253 27.35 17.03 21.69
C ALA A 253 27.68 16.60 20.28
N GLU A 254 27.43 15.34 19.95
CA GLU A 254 27.75 14.83 18.62
C GLU A 254 26.88 15.46 17.55
N LEU A 255 25.61 15.74 17.87
CA LEU A 255 24.75 16.44 16.91
C LEU A 255 25.35 17.79 16.55
N ARG A 256 25.79 18.56 17.56
CA ARG A 256 26.35 19.87 17.28
C ARG A 256 27.61 19.74 16.41
N SER A 257 28.48 18.79 16.74
CA SER A 257 29.68 18.56 15.95
C SER A 257 29.32 18.31 14.49
N PHE A 258 28.37 17.40 14.25
CA PHE A 258 27.99 17.06 12.88
C PHE A 258 27.36 18.23 12.17
N VAL A 259 26.37 18.89 12.80
CA VAL A 259 25.69 20.01 12.15
C VAL A 259 26.69 21.10 11.78
N SER A 260 27.58 21.44 12.71
CA SER A 260 28.52 22.53 12.45
C SER A 260 29.38 22.23 11.24
N ALA A 261 29.83 20.98 11.11
CA ALA A 261 30.68 20.60 9.97
C ALA A 261 29.89 20.61 8.68
N MET A 262 28.65 20.10 8.70
CA MET A 262 27.82 20.13 7.50
C MET A 262 27.50 21.56 7.09
N LYS A 263 27.16 22.41 8.06
CA LYS A 263 26.87 23.81 7.72
C LYS A 263 28.13 24.52 7.23
N ALA A 264 29.28 24.19 7.80
CA ALA A 264 30.53 24.78 7.33
C ALA A 264 30.75 24.48 5.85
N ALA A 265 30.46 23.26 5.42
CA ALA A 265 30.67 22.88 4.03
C ALA A 265 29.72 23.59 3.09
N SER A 266 28.61 24.13 3.60
CA SER A 266 27.69 24.89 2.77
C SER A 266 28.17 26.30 2.49
N ARG A 267 29.16 26.80 3.25
CA ARG A 267 29.69 28.14 3.04
CA ARG A 267 29.69 28.15 3.03
C ARG A 267 30.67 28.09 1.87
N ALA A 268 30.12 28.20 0.65
CA ALA A 268 30.92 28.11 -0.56
C ALA A 268 31.73 29.39 -0.76
N THR B 2 -1.75 13.73 -16.06
CA THR B 2 -2.60 13.22 -17.13
C THR B 2 -2.59 11.71 -17.13
N THR B 3 -3.75 11.11 -17.36
CA THR B 3 -3.87 9.67 -17.50
C THR B 3 -4.76 9.36 -18.69
N LEU B 4 -4.63 8.15 -19.20
CA LEU B 4 -5.49 7.69 -20.28
C LEU B 4 -6.85 7.25 -19.77
N LEU B 5 -6.89 6.78 -18.52
CA LEU B 5 -8.08 6.19 -17.92
C LEU B 5 -8.39 6.92 -16.62
N ASN B 6 -9.66 6.84 -16.22
CA ASN B 6 -10.09 7.55 -15.03
C ASN B 6 -9.49 6.86 -13.80
N PRO B 7 -8.71 7.56 -12.97
CA PRO B 7 -8.09 6.89 -11.81
C PRO B 7 -9.00 6.73 -10.60
N TYR B 8 -10.20 7.31 -10.62
CA TYR B 8 -11.10 7.33 -9.48
C TYR B 8 -12.40 6.59 -9.78
N PHE B 9 -12.98 6.01 -8.73
CA PHE B 9 -14.34 5.47 -8.75
C PHE B 9 -15.08 6.36 -7.76
N GLY B 10 -15.82 7.34 -8.26
CA GLY B 10 -16.32 8.37 -7.38
C GLY B 10 -15.18 9.05 -6.66
N GLU B 11 -15.27 9.11 -5.33
CA GLU B 11 -14.27 9.75 -4.48
C GLU B 11 -13.02 8.91 -4.31
N PHE B 12 -13.08 7.61 -4.59
CA PHE B 12 -12.09 6.65 -4.14
C PHE B 12 -11.12 6.31 -5.26
N GLY B 13 -9.88 6.05 -4.87
CA GLY B 13 -8.85 5.66 -5.82
C GLY B 13 -7.69 6.64 -5.90
N GLY B 14 -7.33 7.04 -7.10
CA GLY B 14 -6.24 7.96 -7.28
C GLY B 14 -4.89 7.29 -7.39
N MET B 15 -3.85 8.13 -7.29
CA MET B 15 -2.46 7.73 -7.47
C MET B 15 -1.64 8.46 -6.40
N TYR B 16 -1.79 8.04 -5.14
CA TYR B 16 -1.14 8.70 -4.01
C TYR B 16 0.19 8.01 -3.70
N VAL B 17 1.13 8.21 -4.61
CA VAL B 17 2.47 7.65 -4.51
C VAL B 17 3.47 8.78 -4.52
N PRO B 18 4.68 8.54 -4.02
CA PRO B 18 5.77 9.50 -4.21
C PRO B 18 5.93 9.84 -5.68
N GLN B 19 6.23 11.11 -5.93
CA GLN B 19 6.37 11.62 -7.29
C GLN B 19 7.26 10.70 -8.13
N ILE B 20 8.32 10.13 -7.53
CA ILE B 20 9.29 9.35 -8.29
C ILE B 20 8.63 8.20 -9.03
N LEU B 21 7.52 7.67 -8.51
CA LEU B 21 6.88 6.48 -9.08
C LEU B 21 5.84 6.81 -10.14
N MET B 22 5.53 8.09 -10.38
CA MET B 22 4.45 8.39 -11.31
C MET B 22 4.79 7.96 -12.73
N PRO B 23 6.04 8.16 -13.19
CA PRO B 23 6.40 7.62 -14.52
C PRO B 23 6.15 6.13 -14.65
N ALA B 24 6.50 5.34 -13.62
CA ALA B 24 6.23 3.90 -13.70
C ALA B 24 4.75 3.63 -13.83
N LEU B 25 3.91 4.35 -13.07
CA LEU B 25 2.47 4.12 -13.15
C LEU B 25 1.94 4.52 -14.51
N ASN B 26 2.37 5.66 -15.03
CA ASN B 26 1.90 6.10 -16.34
C ASN B 26 2.34 5.13 -17.44
N GLN B 27 3.56 4.61 -17.35
CA GLN B 27 4.02 3.64 -18.35
C GLN B 27 3.17 2.38 -18.30
N LEU B 28 2.84 1.94 -17.08
CA LEU B 28 2.04 0.72 -16.94
C LEU B 28 0.65 0.91 -17.53
N GLU B 29 0.03 2.06 -17.26
CA GLU B 29 -1.30 2.33 -17.81
C GLU B 29 -1.25 2.30 -19.32
N GLU B 30 -0.24 2.95 -19.90
CA GLU B 30 -0.10 2.99 -21.35
C GLU B 30 0.10 1.59 -21.91
N ALA B 31 0.97 0.80 -21.29
CA ALA B 31 1.20 -0.58 -21.75
C ALA B 31 -0.09 -1.39 -21.67
N PHE B 32 -0.88 -1.18 -20.61
CA PHE B 32 -2.13 -1.90 -20.44
C PHE B 32 -3.15 -1.49 -21.50
N VAL B 33 -3.32 -0.19 -21.72
CA VAL B 33 -4.26 0.24 -22.74
C VAL B 33 -3.84 -0.28 -24.11
N SER B 34 -2.54 -0.24 -24.41
CA SER B 34 -2.05 -0.79 -25.67
C SER B 34 -2.32 -2.28 -25.75
N ALA B 35 -2.02 -3.01 -24.67
CA ALA B 35 -2.22 -4.46 -24.66
C ALA B 35 -3.67 -4.84 -24.88
N GLN B 36 -4.59 -4.07 -24.31
CA GLN B 36 -6.02 -4.42 -24.39
C GLN B 36 -6.54 -4.29 -25.80
N LYS B 37 -5.87 -3.51 -26.65
CA LYS B 37 -6.23 -3.33 -28.05
C LYS B 37 -5.43 -4.24 -28.97
N ASP B 38 -4.55 -5.08 -28.43
CA ASP B 38 -3.59 -5.82 -29.22
C ASP B 38 -4.05 -7.26 -29.37
N PRO B 39 -4.45 -7.71 -30.56
CA PRO B 39 -4.90 -9.11 -30.70
C PRO B 39 -3.85 -10.13 -30.29
N GLU B 40 -2.58 -9.84 -30.58
CA GLU B 40 -1.52 -10.78 -30.23
C GLU B 40 -1.38 -10.94 -28.72
N PHE B 41 -1.48 -9.85 -27.96
CA PHE B 41 -1.46 -9.95 -26.51
C PHE B 41 -2.65 -10.75 -26.03
N GLN B 42 -3.83 -10.44 -26.55
CA GLN B 42 -5.03 -11.15 -26.11
C GLN B 42 -4.92 -12.64 -26.42
N ALA B 43 -4.35 -12.98 -27.58
CA ALA B 43 -4.21 -14.40 -27.94
C ALA B 43 -3.22 -15.10 -27.03
N GLN B 44 -2.11 -14.45 -26.67
CA GLN B 44 -1.14 -15.09 -25.79
CA GLN B 44 -1.14 -15.07 -25.79
C GLN B 44 -1.70 -15.26 -24.39
N PHE B 45 -2.40 -14.24 -23.88
CA PHE B 45 -3.02 -14.32 -22.57
C PHE B 45 -4.06 -15.44 -22.54
N ALA B 46 -4.90 -15.50 -23.57
CA ALA B 46 -5.92 -16.56 -23.62
C ALA B 46 -5.27 -17.93 -23.68
N ASP B 47 -4.22 -18.08 -24.48
CA ASP B 47 -3.52 -19.35 -24.59
C ASP B 47 -3.00 -19.80 -23.22
N LEU B 48 -2.37 -18.88 -22.48
CA LEU B 48 -1.87 -19.24 -21.16
C LEU B 48 -3.00 -19.60 -20.22
N LEU B 49 -4.08 -18.81 -20.25
CA LEU B 49 -5.19 -19.09 -19.34
C LEU B 49 -5.78 -20.46 -19.60
N LYS B 50 -5.98 -20.81 -20.86
CA LYS B 50 -6.62 -22.07 -21.20
C LYS B 50 -5.68 -23.25 -21.01
N ASN B 51 -4.52 -23.22 -21.65
CA ASN B 51 -3.66 -24.38 -21.80
C ASN B 51 -2.61 -24.52 -20.71
N TYR B 52 -2.33 -23.45 -19.97
CA TYR B 52 -1.42 -23.53 -18.82
C TYR B 52 -2.15 -23.48 -17.49
N ALA B 53 -3.08 -22.54 -17.31
CA ALA B 53 -3.77 -22.38 -16.04
C ALA B 53 -5.01 -23.25 -15.92
N GLY B 54 -5.62 -23.64 -17.03
CA GLY B 54 -6.75 -24.55 -17.00
C GLY B 54 -8.13 -23.94 -17.14
N ARG B 55 -8.24 -22.68 -17.58
CA ARG B 55 -9.55 -22.08 -17.80
C ARG B 55 -10.22 -22.74 -19.00
N PRO B 56 -11.56 -22.76 -19.04
CA PRO B 56 -12.48 -22.24 -18.02
C PRO B 56 -12.55 -23.17 -16.84
N THR B 57 -12.90 -22.63 -15.69
CA THR B 57 -13.08 -23.43 -14.48
C THR B 57 -14.53 -23.85 -14.37
N ALA B 58 -14.73 -24.94 -13.64
CA ALA B 58 -16.07 -25.50 -13.48
C ALA B 58 -16.96 -24.57 -12.66
N LEU B 59 -18.26 -24.73 -12.89
CA LEU B 59 -19.30 -24.17 -12.03
C LEU B 59 -20.04 -25.36 -11.44
N THR B 60 -19.88 -25.57 -10.15
CA THR B 60 -20.33 -26.79 -9.48
C THR B 60 -21.62 -26.50 -8.72
N LYS B 61 -22.67 -27.26 -9.04
CA LYS B 61 -23.90 -27.19 -8.26
C LYS B 61 -23.73 -28.02 -7.00
N CYS B 62 -24.06 -27.44 -5.85
N CYS B 62 -24.00 -27.39 -5.86
CA CYS B 62 -23.97 -28.15 -4.56
CA CYS B 62 -23.96 -28.10 -4.59
C CYS B 62 -25.37 -28.43 -4.06
C CYS B 62 -25.08 -29.13 -4.54
N GLN B 63 -25.80 -29.69 -4.15
N GLN B 63 -24.74 -30.34 -4.11
CA GLN B 63 -27.13 -30.10 -3.72
CA GLN B 63 -25.68 -31.44 -4.10
C GLN B 63 -27.19 -30.56 -2.27
C GLN B 63 -26.32 -31.68 -2.73
N ASN B 64 -26.14 -31.21 -1.77
N ASN B 64 -25.63 -31.31 -1.65
CA ASN B 64 -26.16 -31.68 -0.38
CA ASN B 64 -26.05 -31.75 -0.33
C ASN B 64 -26.31 -30.51 0.59
C ASN B 64 -26.23 -30.60 0.66
N ILE B 65 -25.44 -29.51 0.48
N ILE B 65 -25.49 -29.50 0.50
CA ILE B 65 -25.47 -28.39 1.42
CA ILE B 65 -25.52 -28.47 1.53
C ILE B 65 -26.86 -27.80 1.53
C ILE B 65 -26.74 -27.57 1.47
N THR B 66 -27.53 -27.63 0.39
CA THR B 66 -28.77 -26.87 0.32
C THR B 66 -30.01 -27.73 0.56
N ALA B 67 -29.83 -29.01 0.89
CA ALA B 67 -30.95 -29.90 1.11
C ALA B 67 -31.89 -29.31 2.14
N GLY B 68 -33.19 -29.45 1.89
CA GLY B 68 -34.20 -28.96 2.79
C GLY B 68 -34.50 -27.48 2.67
N THR B 69 -33.98 -26.82 1.64
CA THR B 69 -34.19 -25.39 1.45
C THR B 69 -34.57 -25.14 -0.01
N ARG B 70 -34.98 -23.90 -0.28
N ARG B 70 -34.95 -23.90 -0.30
CA ARG B 70 -35.24 -23.46 -1.65
CA ARG B 70 -35.24 -23.49 -1.67
C ARG B 70 -34.10 -22.62 -2.21
C ARG B 70 -34.04 -22.83 -2.35
N THR B 71 -32.88 -22.81 -1.70
CA THR B 71 -31.69 -22.22 -2.28
C THR B 71 -31.02 -23.21 -3.23
N THR B 72 -30.66 -22.74 -4.42
CA THR B 72 -29.76 -23.43 -5.32
C THR B 72 -28.42 -22.70 -5.27
N LEU B 73 -27.37 -23.43 -5.01
CA LEU B 73 -26.05 -22.85 -4.77
C LEU B 73 -25.05 -23.46 -5.75
N TYR B 74 -24.40 -22.60 -6.53
CA TYR B 74 -23.30 -23.00 -7.37
C TYR B 74 -22.00 -22.42 -6.82
N LEU B 75 -20.91 -23.14 -7.05
CA LEU B 75 -19.56 -22.70 -6.67
C LEU B 75 -18.76 -22.49 -7.94
N LYS B 76 -18.23 -21.30 -8.10
CA LYS B 76 -17.31 -21.03 -9.20
C LYS B 76 -15.92 -21.50 -8.77
N ARG B 77 -15.39 -22.50 -9.49
CA ARG B 77 -14.26 -23.30 -9.00
C ARG B 77 -12.90 -22.70 -9.41
N GLU B 78 -12.61 -21.52 -8.87
CA GLU B 78 -11.25 -20.98 -9.02
C GLU B 78 -10.23 -21.79 -8.23
N ASP B 79 -10.69 -22.59 -7.26
CA ASP B 79 -9.82 -23.56 -6.61
C ASP B 79 -9.18 -24.55 -7.58
N LEU B 80 -9.73 -24.74 -8.78
CA LEU B 80 -9.19 -25.70 -9.74
C LEU B 80 -8.17 -25.08 -10.70
N LEU B 81 -7.95 -23.77 -10.62
CA LEU B 81 -6.96 -23.11 -11.45
C LEU B 81 -5.58 -23.54 -11.02
N HIS B 82 -4.64 -23.58 -11.98
CA HIS B 82 -3.26 -23.90 -11.66
C HIS B 82 -2.76 -22.96 -10.58
N GLY B 83 -2.20 -23.52 -9.51
CA GLY B 83 -1.72 -22.76 -8.38
C GLY B 83 -2.69 -22.75 -7.21
N GLY B 84 -3.96 -23.03 -7.46
CA GLY B 84 -4.93 -23.24 -6.40
C GLY B 84 -5.80 -22.06 -6.08
N ALA B 85 -5.76 -21.00 -6.86
CA ALA B 85 -6.59 -19.84 -6.57
C ALA B 85 -6.66 -18.94 -7.80
N HIS B 86 -7.62 -18.01 -7.75
CA HIS B 86 -7.84 -17.04 -8.82
C HIS B 86 -6.62 -16.17 -9.10
N LYS B 87 -5.69 -16.08 -8.15
CA LYS B 87 -4.55 -15.18 -8.31
C LYS B 87 -3.84 -15.41 -9.64
N THR B 88 -3.81 -16.66 -10.11
CA THR B 88 -3.06 -17.00 -11.30
C THR B 88 -3.55 -16.24 -12.51
N ASN B 89 -4.85 -15.90 -12.57
CA ASN B 89 -5.37 -15.22 -13.76
C ASN B 89 -4.61 -13.93 -14.01
N GLN B 90 -4.61 -13.05 -13.03
CA GLN B 90 -4.10 -11.71 -13.27
C GLN B 90 -2.58 -11.66 -13.24
N VAL B 91 -1.91 -12.59 -12.56
CA VAL B 91 -0.45 -12.60 -12.60
CA VAL B 91 -0.46 -12.62 -12.59
C VAL B 91 0.03 -12.95 -14.01
N LEU B 92 -0.70 -13.81 -14.72
CA LEU B 92 -0.28 -14.12 -16.08
C LEU B 92 -0.38 -12.88 -16.96
N GLY B 93 -1.45 -12.10 -16.82
CA GLY B 93 -1.55 -10.87 -17.58
C GLY B 93 -0.50 -9.85 -17.19
N GLN B 94 -0.29 -9.67 -15.88
CA GLN B 94 0.69 -8.69 -15.44
C GLN B 94 2.10 -9.08 -15.84
N ALA B 95 2.42 -10.38 -15.80
CA ALA B 95 3.74 -10.81 -16.24
C ALA B 95 3.94 -10.54 -17.71
N LEU B 96 2.89 -10.74 -18.53
CA LEU B 96 3.00 -10.41 -19.94
C LEU B 96 3.18 -8.90 -20.15
N LEU B 97 2.46 -8.08 -19.37
CA LEU B 97 2.69 -6.63 -19.43
C LEU B 97 4.12 -6.29 -19.06
N ALA B 98 4.65 -6.93 -18.01
CA ALA B 98 6.04 -6.66 -17.63
C ALA B 98 6.98 -6.92 -18.79
N LYS B 99 6.77 -8.02 -19.51
CA LYS B 99 7.62 -8.29 -20.67
C LYS B 99 7.39 -7.27 -21.78
N ARG B 100 6.13 -6.90 -22.03
CA ARG B 100 5.82 -5.88 -23.02
C ARG B 100 6.57 -4.59 -22.74
N MET B 101 6.83 -4.28 -21.47
CA MET B 101 7.54 -3.07 -21.07
C MET B 101 9.05 -3.26 -20.99
N GLY B 102 9.54 -4.47 -21.21
CA GLY B 102 10.97 -4.69 -21.14
C GLY B 102 11.51 -4.85 -19.74
N LYS B 103 10.67 -5.25 -18.79
CA LYS B 103 11.11 -5.49 -17.42
CA LYS B 103 11.09 -5.49 -17.42
C LYS B 103 11.52 -6.95 -17.27
N SER B 104 12.58 -7.17 -16.49
CA SER B 104 13.11 -8.51 -16.29
C SER B 104 12.91 -9.06 -14.89
N GLU B 105 12.46 -8.25 -13.94
CA GLU B 105 12.30 -8.67 -12.56
C GLU B 105 10.91 -8.33 -12.07
N ILE B 106 10.47 -9.05 -11.03
CA ILE B 106 9.13 -8.92 -10.47
C ILE B 106 9.27 -8.74 -8.97
N ILE B 107 8.54 -7.77 -8.43
CA ILE B 107 8.34 -7.62 -6.99
C ILE B 107 6.89 -7.95 -6.69
N ALA B 108 6.65 -8.71 -5.62
CA ALA B 108 5.28 -8.98 -5.20
C ALA B 108 5.22 -9.15 -3.69
N GLU B 109 4.05 -8.87 -3.13
CA GLU B 109 3.75 -9.10 -1.73
C GLU B 109 2.78 -10.27 -1.62
N THR B 110 2.76 -10.91 -0.46
CA THR B 110 1.77 -11.97 -0.28
C THR B 110 1.50 -12.15 1.22
N GLY B 111 0.28 -12.57 1.53
N GLY B 111 0.28 -12.61 1.51
CA GLY B 111 -0.10 -12.77 2.92
CA GLY B 111 -0.11 -12.96 2.86
C GLY B 111 0.02 -14.23 3.33
C GLY B 111 -0.54 -14.41 2.94
N ALA B 112 -0.93 -15.04 2.88
N ALA B 112 -1.52 -14.80 2.12
CA ALA B 112 -0.86 -16.48 3.11
CA ALA B 112 -1.88 -16.21 2.03
C ALA B 112 0.12 -17.17 2.17
C ALA B 112 -0.77 -17.04 1.39
N GLY B 113 0.41 -16.55 1.02
N GLY B 113 0.30 -16.42 0.93
CA GLY B 113 1.34 -17.10 0.05
CA GLY B 113 1.26 -17.09 0.09
C GLY B 113 0.73 -17.44 -1.30
C GLY B 113 0.72 -17.49 -1.26
N GLN B 114 -0.56 -17.21 -1.51
CA GLN B 114 -1.19 -17.63 -2.76
C GLN B 114 -0.74 -16.73 -3.89
N HIS B 115 -0.75 -15.42 -3.68
CA HIS B 115 -0.25 -14.52 -4.71
C HIS B 115 1.26 -14.70 -4.88
N GLY B 116 1.97 -15.01 -3.80
CA GLY B 116 3.38 -15.32 -3.94
C GLY B 116 3.61 -16.53 -4.84
N VAL B 117 2.88 -17.62 -4.58
CA VAL B 117 3.00 -18.81 -5.41
C VAL B 117 2.66 -18.48 -6.87
N ALA B 118 1.58 -17.73 -7.08
CA ALA B 118 1.20 -17.35 -8.44
C ALA B 118 2.28 -16.51 -9.11
N SER B 119 2.81 -15.52 -8.42
N SER B 119 2.84 -15.53 -8.40
CA SER B 119 3.89 -14.71 -9.00
CA SER B 119 3.89 -14.71 -8.99
C SER B 119 5.11 -15.58 -9.30
C SER B 119 5.17 -15.51 -9.24
N ALA B 120 5.45 -16.48 -8.39
CA ALA B 120 6.62 -17.34 -8.60
C ALA B 120 6.42 -18.25 -9.80
N LEU B 121 5.23 -18.83 -9.96
CA LEU B 121 5.02 -19.75 -11.07
C LEU B 121 5.01 -19.01 -12.40
N ALA B 122 4.38 -17.83 -12.45
CA ALA B 122 4.38 -17.07 -13.70
C ALA B 122 5.77 -16.60 -14.08
N SER B 123 6.57 -16.19 -13.09
CA SER B 123 7.92 -15.76 -13.38
C SER B 123 8.76 -16.91 -13.89
N ALA B 124 8.62 -18.09 -13.28
CA ALA B 124 9.32 -19.28 -13.74
C ALA B 124 8.97 -19.57 -15.21
N LEU B 125 7.67 -19.58 -15.52
CA LEU B 125 7.25 -19.88 -16.88
C LEU B 125 7.79 -18.85 -17.86
N LEU B 126 7.68 -17.57 -17.51
CA LEU B 126 7.91 -16.50 -18.46
C LEU B 126 9.32 -15.90 -18.36
N GLY B 127 10.20 -16.46 -17.54
CA GLY B 127 11.60 -16.04 -17.55
C GLY B 127 11.91 -14.76 -16.81
N LEU B 128 11.20 -14.48 -15.72
CA LEU B 128 11.38 -13.27 -14.93
C LEU B 128 11.97 -13.65 -13.57
N LYS B 129 12.73 -12.73 -12.99
CA LYS B 129 13.33 -12.93 -11.67
C LYS B 129 12.41 -12.33 -10.62
N CYS B 130 11.95 -13.17 -9.69
CA CYS B 130 10.85 -12.82 -8.79
C CYS B 130 11.34 -12.77 -7.36
N ARG B 131 11.04 -11.66 -6.66
CA ARG B 131 11.26 -11.53 -5.22
C ARG B 131 9.96 -11.19 -4.52
N ILE B 132 9.67 -11.91 -3.43
CA ILE B 132 8.37 -11.85 -2.77
CA ILE B 132 8.38 -11.87 -2.76
C ILE B 132 8.57 -11.39 -1.32
N TYR B 133 7.81 -10.38 -0.92
CA TYR B 133 7.79 -9.91 0.45
C TYR B 133 6.62 -10.55 1.17
N MET B 134 6.86 -11.03 2.38
CA MET B 134 5.85 -11.75 3.14
C MET B 134 6.09 -11.47 4.62
N GLY B 135 5.05 -11.06 5.32
N GLY B 135 5.04 -11.06 5.32
CA GLY B 135 5.17 -10.83 6.75
CA GLY B 135 5.16 -10.84 6.76
C GLY B 135 5.81 -12.00 7.46
C GLY B 135 5.50 -12.12 7.48
N ALA B 136 6.80 -11.73 8.33
N ALA B 136 6.28 -11.98 8.56
CA ALA B 136 7.56 -12.82 8.94
CA ALA B 136 6.74 -13.16 9.29
C ALA B 136 6.69 -13.71 9.79
C ALA B 136 5.58 -13.99 9.80
N LYS B 137 5.59 -13.19 10.34
N LYS B 137 4.53 -13.35 10.31
CA LYS B 137 4.63 -14.05 11.02
CA LYS B 137 3.37 -14.08 10.81
C LYS B 137 3.95 -14.99 10.02
C LYS B 137 2.77 -14.97 9.73
N ASP B 138 3.60 -14.47 8.85
N ASP B 138 2.59 -14.42 8.53
CA ASP B 138 3.10 -15.34 7.79
CA ASP B 138 2.01 -15.20 7.44
C ASP B 138 4.18 -16.30 7.30
C ASP B 138 2.96 -16.30 6.96
N VAL B 139 5.43 -15.87 7.32
N VAL B 139 4.27 -16.10 7.11
CA VAL B 139 6.54 -16.76 6.95
CA VAL B 139 5.22 -17.16 6.78
C VAL B 139 6.57 -17.98 7.85
C VAL B 139 4.96 -18.40 7.62
N GLU B 140 6.64 -17.75 9.17
N GLU B 140 4.30 -18.25 8.77
CA GLU B 140 6.76 -18.86 10.11
CA GLU B 140 4.09 -19.35 9.71
C GLU B 140 5.49 -19.69 10.18
C GLU B 140 2.78 -20.09 9.45
N ARG B 141 4.37 -19.16 9.69
N ARG B 141 1.65 -19.38 9.36
CA ARG B 141 3.12 -19.92 9.64
CA ARG B 141 0.37 -20.03 9.20
C ARG B 141 2.90 -20.61 8.29
C ARG B 141 0.04 -20.35 7.74
N GLN B 142 3.41 -20.04 7.20
N GLN B 142 0.87 -19.94 6.79
CA GLN B 142 3.21 -20.56 5.86
CA GLN B 142 0.73 -20.30 5.38
C GLN B 142 4.51 -21.09 5.25
C GLN B 142 2.02 -20.91 4.86
N SER B 143 5.34 -21.74 6.06
N SER B 143 2.74 -21.65 5.70
CA SER B 143 6.60 -22.25 5.54
CA SER B 143 4.04 -22.19 5.32
C SER B 143 6.40 -23.16 4.34
C SER B 143 4.01 -23.05 4.07
N PRO B 144 5.34 -23.98 4.25
N PRO B 144 2.96 -23.81 3.76
CA PRO B 144 5.16 -24.79 3.04
CA PRO B 144 2.97 -24.60 2.53
C PRO B 144 5.06 -23.95 1.77
C PRO B 144 3.32 -23.79 1.28
N ASN B 145 4.20 -22.92 1.75
N ASN B 145 2.81 -22.55 1.18
CA ASN B 145 4.09 -22.10 0.56
CA ASN B 145 3.13 -21.73 0.02
C ASN B 145 5.40 -21.38 0.26
C ASN B 145 4.54 -21.19 0.06
N VAL B 146 6.09 -20.90 1.30
N VAL B 146 5.18 -21.15 1.24
CA VAL B 146 7.40 -20.26 1.10
CA VAL B 146 6.57 -20.72 1.32
C VAL B 146 8.32 -21.20 0.33
C VAL B 146 7.48 -21.74 0.64
N PHE B 147 8.36 -22.47 0.74
N PHE B 147 7.23 -23.03 0.87
CA PHE B 147 9.23 -23.43 0.07
CA PHE B 147 8.02 -24.06 0.22
C PHE B 147 8.79 -23.65 -1.37
C PHE B 147 7.84 -24.02 -1.29
N ARG B 148 7.48 -23.69 -1.62
N ARG B 148 6.62 -23.76 -1.76
CA ARG B 148 6.98 -23.78 -2.98
CA ARG B 148 6.34 -23.78 -3.19
C ARG B 148 7.53 -22.64 -3.83
C ARG B 148 6.88 -22.55 -3.89
N MET B 149 7.41 -21.41 -3.32
N MET B 149 6.89 -21.40 -3.22
CA MET B 149 7.93 -20.27 -4.05
CA MET B 149 7.49 -20.20 -3.80
C MET B 149 9.41 -20.45 -4.34
C MET B 149 8.98 -20.41 -4.04
N ARG B 150 10.19 -20.82 -3.31
N ARG B 150 9.65 -21.17 -3.17
CA ARG B 150 11.62 -20.99 -3.52
CA ARG B 150 11.10 -21.30 -3.24
C ARG B 150 11.91 -22.13 -4.49
C ARG B 150 11.57 -22.48 -4.08
N LEU B 151 11.17 -23.24 -4.37
N LEU B 151 10.69 -23.45 -4.36
CA LEU B 151 11.32 -24.31 -5.35
CA LEU B 151 11.03 -24.49 -5.33
C LEU B 151 11.18 -23.77 -6.76
C LEU B 151 10.92 -23.99 -6.76
N MET B 152 10.20 -22.90 -6.99
CA MET B 152 10.01 -22.33 -8.31
C MET B 152 10.97 -21.17 -8.59
N GLY B 153 11.97 -20.97 -7.74
CA GLY B 153 13.05 -20.06 -8.03
C GLY B 153 12.86 -18.65 -7.51
N ALA B 154 11.85 -18.40 -6.70
CA ALA B 154 11.59 -17.06 -6.19
C ALA B 154 12.38 -16.82 -4.91
N GLU B 155 12.75 -15.57 -4.68
CA GLU B 155 13.32 -15.13 -3.43
C GLU B 155 12.18 -14.69 -2.52
N VAL B 156 12.13 -15.24 -1.31
CA VAL B 156 11.12 -14.86 -0.32
C VAL B 156 11.81 -14.12 0.80
N ILE B 157 11.29 -12.95 1.13
CA ILE B 157 11.91 -12.02 2.07
C ILE B 157 10.95 -11.81 3.23
N PRO B 158 11.22 -12.35 4.41
CA PRO B 158 10.34 -12.12 5.56
C PRO B 158 10.38 -10.65 5.96
N VAL B 159 9.23 -10.15 6.41
CA VAL B 159 9.09 -8.78 6.87
C VAL B 159 8.69 -8.83 8.35
N HIS B 160 9.54 -8.28 9.21
CA HIS B 160 9.34 -8.33 10.64
C HIS B 160 8.69 -7.07 11.21
N SER B 161 8.57 -6.01 10.41
N SER B 161 8.59 -6.00 10.42
CA SER B 161 8.10 -4.73 10.90
CA SER B 161 8.11 -4.74 10.94
C SER B 161 6.59 -4.76 11.12
C SER B 161 6.60 -4.77 11.14
N GLY B 162 6.13 -3.89 12.03
CA GLY B 162 4.69 -3.74 12.24
C GLY B 162 4.03 -5.01 12.70
N SER B 163 2.85 -5.29 12.13
CA SER B 163 2.11 -6.51 12.44
CA SER B 163 2.12 -6.51 12.46
C SER B 163 2.76 -7.76 11.86
N ALA B 164 3.83 -7.61 11.06
CA ALA B 164 4.49 -8.75 10.43
C ALA B 164 3.52 -9.56 9.56
N THR B 165 2.57 -8.86 8.95
CA THR B 165 1.61 -9.48 8.04
C THR B 165 1.52 -8.67 6.75
N LEU B 166 0.39 -8.80 6.06
CA LEU B 166 0.28 -8.35 4.67
C LEU B 166 0.56 -6.86 4.52
N LYS B 167 -0.05 -6.02 5.36
CA LYS B 167 0.19 -4.59 5.25
C LYS B 167 1.68 -4.28 5.24
N ASP B 168 2.44 -4.97 6.08
CA ASP B 168 3.87 -4.73 6.20
C ASP B 168 4.61 -5.26 4.99
N ALA B 169 4.17 -6.39 4.43
CA ALA B 169 4.74 -6.85 3.17
C ALA B 169 4.48 -5.83 2.07
N CYS B 170 3.25 -5.30 2.00
N CYS B 170 3.25 -5.29 2.00
CA CYS B 170 2.94 -4.25 1.03
CA CYS B 170 2.94 -4.25 1.03
C CYS B 170 3.90 -3.08 1.16
C CYS B 170 3.90 -3.08 1.16
N ASN B 171 4.10 -2.59 2.38
CA ASN B 171 4.99 -1.45 2.61
C ASN B 171 6.38 -1.73 2.02
N GLU B 172 6.95 -2.90 2.33
CA GLU B 172 8.31 -3.16 1.88
C GLU B 172 8.36 -3.28 0.36
N ALA B 173 7.36 -3.92 -0.24
CA ALA B 173 7.32 -4.03 -1.70
C ALA B 173 7.37 -2.65 -2.35
N LEU B 174 6.56 -1.72 -1.83
CA LEU B 174 6.54 -0.37 -2.39
CA LEU B 174 6.54 -0.37 -2.39
C LEU B 174 7.86 0.35 -2.15
N ARG B 175 8.44 0.22 -0.95
CA ARG B 175 9.75 0.82 -0.72
C ARG B 175 10.76 0.27 -1.72
N ASP B 176 10.72 -1.04 -1.99
CA ASP B 176 11.64 -1.64 -2.95
C ASP B 176 11.43 -1.07 -4.35
N TRP B 177 10.17 -0.99 -4.79
CA TRP B 177 9.84 -0.63 -6.17
C TRP B 177 10.19 0.79 -6.53
N SER B 178 10.43 1.56 -5.45
N SER B 178 10.46 1.57 -5.47
CA SER B 178 10.72 2.98 -5.51
CA SER B 178 10.74 3.00 -5.55
C SER B 178 12.20 3.19 -5.78
C SER B 178 12.22 3.25 -5.66
N GLY B 179 13.05 2.25 -5.33
CA GLY B 179 14.36 2.30 -5.96
C GLY B 179 14.69 1.23 -6.99
N SER B 180 13.69 0.53 -7.58
CA SER B 180 14.00 -0.45 -8.63
C SER B 180 13.07 -0.42 -9.83
N TYR B 181 12.19 0.58 -9.95
CA TYR B 181 11.16 0.58 -10.99
C TYR B 181 11.74 0.50 -12.40
N GLU B 182 13.01 0.88 -12.59
CA GLU B 182 13.56 0.87 -13.95
C GLU B 182 13.65 -0.54 -14.52
N THR B 183 13.89 -1.53 -13.65
CA THR B 183 14.07 -2.91 -14.11
C THR B 183 13.06 -3.88 -13.52
N ALA B 184 12.34 -3.49 -12.47
CA ALA B 184 11.39 -4.38 -11.82
C ALA B 184 9.96 -3.89 -12.03
N HIS B 185 9.07 -4.82 -12.32
CA HIS B 185 7.64 -4.56 -12.30
C HIS B 185 7.07 -4.96 -10.95
N TYR B 186 6.27 -4.07 -10.35
CA TYR B 186 5.60 -4.40 -9.10
C TYR B 186 4.30 -5.12 -9.45
N MET B 187 4.23 -6.41 -9.14
N MET B 187 4.25 -6.42 -9.18
CA MET B 187 3.06 -7.24 -9.43
CA MET B 187 3.07 -7.22 -9.44
C MET B 187 2.14 -7.22 -8.23
C MET B 187 2.20 -7.18 -8.19
N LEU B 188 1.37 -6.15 -8.12
CA LEU B 188 0.42 -6.01 -7.02
C LEU B 188 -0.60 -7.12 -7.08
N GLY B 189 -0.93 -7.70 -5.94
CA GLY B 189 -1.73 -8.90 -5.88
C GLY B 189 -3.22 -8.73 -5.67
N THR B 190 -3.73 -7.50 -5.61
CA THR B 190 -5.15 -7.33 -5.42
C THR B 190 -5.60 -6.10 -6.19
N ALA B 191 -6.92 -5.90 -6.22
CA ALA B 191 -7.50 -4.77 -6.95
C ALA B 191 -7.51 -3.53 -6.05
N ALA B 192 -6.31 -3.15 -5.63
CA ALA B 192 -6.15 -2.01 -4.76
C ALA B 192 -4.85 -1.33 -5.16
N GLY B 193 -4.40 -0.39 -4.35
CA GLY B 193 -3.22 0.36 -4.68
C GLY B 193 -3.51 1.48 -5.65
N PRO B 194 -2.46 2.14 -6.15
CA PRO B 194 -2.67 3.30 -7.02
C PRO B 194 -3.15 2.89 -8.39
N HIS B 195 -3.91 3.77 -9.02
CA HIS B 195 -4.18 3.59 -10.44
C HIS B 195 -2.85 3.41 -11.18
N PRO B 196 -2.77 2.48 -12.16
CA PRO B 196 -3.88 1.72 -12.75
C PRO B 196 -4.18 0.33 -12.18
N TYR B 197 -3.60 -0.03 -11.03
CA TYR B 197 -3.75 -1.41 -10.55
C TYR B 197 -5.20 -1.84 -10.33
N PRO B 198 -6.06 -1.06 -9.65
CA PRO B 198 -7.42 -1.56 -9.45
C PRO B 198 -8.13 -1.87 -10.78
N THR B 199 -7.85 -1.07 -11.81
CA THR B 199 -8.46 -1.31 -13.12
C THR B 199 -7.83 -2.51 -13.82
N ILE B 200 -6.50 -2.60 -13.82
CA ILE B 200 -5.84 -3.73 -14.48
C ILE B 200 -6.26 -5.06 -13.84
N VAL B 201 -6.22 -5.13 -12.51
CA VAL B 201 -6.52 -6.39 -11.85
C VAL B 201 -7.96 -6.81 -12.13
N ARG B 202 -8.89 -5.85 -12.14
CA ARG B 202 -10.27 -6.18 -12.48
C ARG B 202 -10.35 -6.75 -13.89
N GLU B 203 -9.74 -6.06 -14.86
CA GLU B 203 -9.85 -6.52 -16.23
C GLU B 203 -9.18 -7.87 -16.44
N PHE B 204 -8.11 -8.17 -15.69
CA PHE B 204 -7.47 -9.48 -15.80
C PHE B 204 -8.09 -10.54 -14.89
N GLN B 205 -9.17 -10.20 -14.17
CA GLN B 205 -9.94 -11.16 -13.40
C GLN B 205 -11.37 -11.30 -13.86
N ARG B 206 -11.82 -10.51 -14.83
CA ARG B 206 -13.24 -10.46 -15.12
C ARG B 206 -13.72 -11.69 -15.88
N MET B 207 -12.80 -12.56 -16.33
CA MET B 207 -13.23 -13.81 -16.92
C MET B 207 -13.98 -14.67 -15.91
N ILE B 208 -13.75 -14.45 -14.62
CA ILE B 208 -14.48 -15.21 -13.60
C ILE B 208 -15.97 -14.99 -13.77
N GLY B 209 -16.40 -13.73 -13.75
CA GLY B 209 -17.80 -13.42 -13.88
C GLY B 209 -18.32 -13.69 -15.29
N GLU B 210 -17.51 -13.39 -16.30
CA GLU B 210 -17.94 -13.69 -17.67
C GLU B 210 -18.24 -15.18 -17.85
N GLU B 211 -17.33 -16.06 -17.43
CA GLU B 211 -17.61 -17.50 -17.46
C GLU B 211 -18.83 -17.85 -16.63
N THR B 212 -18.87 -17.38 -15.38
CA THR B 212 -20.00 -17.68 -14.50
C THR B 212 -21.32 -17.35 -15.20
N LYS B 213 -21.42 -16.17 -15.82
CA LYS B 213 -22.67 -15.78 -16.48
C LYS B 213 -23.06 -16.77 -17.55
N ALA B 214 -22.12 -17.11 -18.44
CA ALA B 214 -22.42 -18.06 -19.50
C ALA B 214 -22.81 -19.41 -18.92
N GLN B 215 -22.11 -19.83 -17.87
CA GLN B 215 -22.35 -21.16 -17.30
C GLN B 215 -23.73 -21.22 -16.64
N ILE B 216 -24.12 -20.17 -15.91
CA ILE B 216 -25.40 -20.17 -15.23
C ILE B 216 -26.55 -20.07 -16.24
N LEU B 217 -26.39 -19.27 -17.30
CA LEU B 217 -27.43 -19.23 -18.32
C LEU B 217 -27.59 -20.60 -18.96
N ASP B 218 -26.47 -21.31 -19.17
CA ASP B 218 -26.56 -22.64 -19.77
C ASP B 218 -27.24 -23.64 -18.85
N LYS B 219 -26.99 -23.56 -17.54
N LYS B 219 -26.98 -23.59 -17.54
CA LYS B 219 -27.46 -24.56 -16.58
CA LYS B 219 -27.51 -24.58 -16.63
C LYS B 219 -28.80 -24.21 -15.95
C LYS B 219 -28.87 -24.22 -16.05
N GLU B 220 -29.15 -22.92 -15.88
CA GLU B 220 -30.40 -22.49 -15.26
C GLU B 220 -31.27 -21.61 -16.14
N GLY B 221 -30.77 -21.13 -17.28
CA GLY B 221 -31.59 -20.31 -18.15
C GLY B 221 -31.86 -18.92 -17.64
N ARG B 222 -31.11 -18.44 -16.67
CA ARG B 222 -31.35 -17.13 -16.08
C ARG B 222 -30.12 -16.75 -15.27
N LEU B 223 -30.05 -15.48 -14.91
CA LEU B 223 -28.93 -14.98 -14.15
C LEU B 223 -29.14 -15.30 -12.67
N PRO B 224 -28.06 -15.27 -11.88
CA PRO B 224 -28.21 -15.53 -10.45
C PRO B 224 -28.98 -14.41 -9.78
N ASP B 225 -29.63 -14.75 -8.67
CA ASP B 225 -30.18 -13.71 -7.81
C ASP B 225 -29.06 -12.93 -7.12
N ALA B 226 -27.94 -13.58 -6.83
CA ALA B 226 -26.80 -12.87 -6.25
C ALA B 226 -25.54 -13.69 -6.46
N VAL B 227 -24.42 -12.98 -6.51
CA VAL B 227 -23.09 -13.57 -6.50
C VAL B 227 -22.35 -13.05 -5.28
N ILE B 228 -21.57 -13.93 -4.65
CA ILE B 228 -21.02 -13.71 -3.31
C ILE B 228 -19.53 -14.03 -3.35
N ALA B 229 -18.71 -13.12 -2.82
CA ALA B 229 -17.27 -13.29 -2.86
C ALA B 229 -16.63 -12.65 -1.64
N CYS B 230 -15.55 -13.26 -1.17
CA CYS B 230 -14.84 -12.64 -0.07
C CYS B 230 -14.03 -11.46 -0.60
N VAL B 231 -13.74 -10.52 0.32
CA VAL B 231 -13.08 -9.26 0.00
C VAL B 231 -11.96 -9.05 1.01
N GLY B 232 -10.72 -9.23 0.56
CA GLY B 232 -9.55 -8.89 1.35
C GLY B 232 -8.95 -7.60 0.83
N GLY B 233 -8.61 -7.60 -0.45
CA GLY B 233 -8.32 -6.38 -1.16
C GLY B 233 -9.30 -6.11 -2.30
N GLY B 234 -9.89 -7.15 -2.86
CA GLY B 234 -11.00 -6.97 -3.79
C GLY B 234 -10.91 -7.65 -5.15
N SER B 235 -9.85 -8.41 -5.41
CA SER B 235 -9.61 -8.92 -6.76
CA SER B 235 -9.62 -8.91 -6.77
C SER B 235 -10.61 -10.01 -7.13
N ASN B 236 -10.76 -11.02 -6.28
CA ASN B 236 -11.65 -12.12 -6.69
C ASN B 236 -13.08 -11.64 -6.75
N ALA B 237 -13.47 -10.72 -5.86
CA ALA B 237 -14.85 -10.23 -5.86
C ALA B 237 -15.11 -9.35 -7.09
N ILE B 238 -14.20 -8.44 -7.40
CA ILE B 238 -14.47 -7.59 -8.58
C ILE B 238 -14.42 -8.44 -9.85
N GLY B 239 -13.57 -9.48 -9.87
CA GLY B 239 -13.53 -10.38 -11.02
C GLY B 239 -14.84 -11.11 -11.23
N MET B 240 -15.46 -11.57 -10.15
CA MET B 240 -16.80 -12.14 -10.24
C MET B 240 -17.86 -11.07 -10.54
N PHE B 241 -17.73 -9.88 -9.93
CA PHE B 241 -18.79 -8.86 -10.03
C PHE B 241 -18.84 -8.20 -11.40
N ALA B 242 -17.68 -7.97 -12.01
CA ALA B 242 -17.57 -6.96 -13.07
C ALA B 242 -18.61 -7.17 -14.15
N ASP B 243 -18.74 -8.39 -14.65
CA ASP B 243 -19.62 -8.60 -15.80
C ASP B 243 -21.09 -8.53 -15.43
N PHE B 244 -21.40 -8.52 -14.13
CA PHE B 244 -22.78 -8.41 -13.66
C PHE B 244 -23.16 -7.00 -13.24
N ILE B 245 -22.21 -6.06 -13.19
CA ILE B 245 -22.52 -4.73 -12.67
C ILE B 245 -23.72 -4.14 -13.39
N ASN B 246 -23.77 -4.29 -14.71
CA ASN B 246 -24.89 -3.72 -15.48
C ASN B 246 -26.12 -4.61 -15.49
N ASP B 247 -26.09 -5.77 -14.85
CA ASP B 247 -27.27 -6.63 -14.70
C ASP B 247 -27.88 -6.30 -13.34
N THR B 248 -28.75 -5.30 -13.33
CA THR B 248 -29.15 -4.67 -12.08
C THR B 248 -29.97 -5.58 -11.18
N SER B 249 -30.53 -6.65 -11.71
CA SER B 249 -31.24 -7.63 -10.87
C SER B 249 -30.30 -8.55 -10.10
N VAL B 250 -29.03 -8.62 -10.47
CA VAL B 250 -28.08 -9.53 -9.85
C VAL B 250 -27.46 -8.84 -8.64
N GLY B 251 -27.71 -9.38 -7.46
CA GLY B 251 -27.05 -8.84 -6.28
C GLY B 251 -25.56 -9.13 -6.29
N LEU B 252 -24.81 -8.19 -5.74
CA LEU B 252 -23.36 -8.33 -5.60
C LEU B 252 -23.08 -8.22 -4.13
N ILE B 253 -22.55 -9.28 -3.53
CA ILE B 253 -22.35 -9.34 -2.08
C ILE B 253 -20.88 -9.65 -1.82
N GLY B 254 -20.19 -8.74 -1.15
CA GLY B 254 -18.81 -8.94 -0.73
C GLY B 254 -18.76 -9.18 0.76
N VAL B 255 -17.87 -10.06 1.17
CA VAL B 255 -17.79 -10.55 2.55
C VAL B 255 -16.40 -10.22 3.08
N GLU B 256 -16.33 -9.30 3.98
CA GLU B 256 -15.11 -8.96 4.68
C GLU B 256 -14.93 -9.84 5.90
N PRO B 257 -13.69 -10.06 6.35
CA PRO B 257 -13.47 -10.85 7.56
C PRO B 257 -13.89 -10.08 8.81
N GLY B 258 -14.73 -10.71 9.64
CA GLY B 258 -15.08 -10.19 10.95
C GLY B 258 -14.13 -10.61 12.05
N GLY B 259 -13.16 -11.47 11.75
CA GLY B 259 -12.18 -11.88 12.75
C GLY B 259 -12.84 -12.40 14.01
N HIS B 260 -12.41 -11.91 15.17
CA HIS B 260 -13.01 -12.33 16.43
C HIS B 260 -14.35 -11.67 16.71
N GLY B 261 -14.83 -10.83 15.81
CA GLY B 261 -16.04 -10.05 16.03
C GLY B 261 -15.78 -8.57 15.82
N ILE B 262 -16.65 -7.88 15.08
CA ILE B 262 -16.42 -6.47 14.84
C ILE B 262 -16.27 -5.71 16.15
N GLU B 263 -17.11 -6.04 17.14
CA GLU B 263 -17.08 -5.34 18.40
C GLU B 263 -15.73 -5.46 19.12
N THR B 264 -14.92 -6.46 18.77
CA THR B 264 -13.62 -6.61 19.43
C THR B 264 -12.55 -5.70 18.83
N GLY B 265 -12.80 -5.11 17.66
CA GLY B 265 -11.77 -4.38 16.95
C GLY B 265 -10.77 -5.25 16.22
N GLU B 266 -10.84 -6.57 16.39
CA GLU B 266 -9.91 -7.50 15.76
C GLU B 266 -10.61 -8.12 14.56
N HIS B 267 -10.51 -7.43 13.42
CA HIS B 267 -11.21 -7.82 12.20
C HIS B 267 -10.49 -7.21 11.02
N GLY B 268 -11.01 -7.45 9.83
CA GLY B 268 -10.48 -6.85 8.62
C GLY B 268 -11.59 -6.32 7.74
N ALA B 269 -12.45 -5.48 8.31
CA ALA B 269 -13.68 -5.02 7.66
C ALA B 269 -13.67 -3.50 7.55
N PRO B 270 -12.66 -2.93 6.88
CA PRO B 270 -12.61 -1.47 6.74
C PRO B 270 -13.73 -0.90 5.91
N LEU B 271 -14.24 -1.64 4.92
CA LEU B 271 -15.22 -1.03 4.04
CA LEU B 271 -15.24 -1.08 4.03
C LEU B 271 -16.48 -0.64 4.81
N LYS B 272 -16.90 -1.46 5.77
CA LYS B 272 -18.07 -1.15 6.55
C LYS B 272 -17.76 -0.63 7.94
N HIS B 273 -16.54 -0.82 8.44
CA HIS B 273 -16.23 -0.46 9.82
C HIS B 273 -15.00 0.40 9.95
N GLY B 274 -14.47 0.89 8.83
CA GLY B 274 -13.38 1.82 8.82
C GLY B 274 -13.81 3.21 8.42
N ARG B 275 -12.85 3.98 7.93
CA ARG B 275 -12.99 5.39 7.67
C ARG B 275 -12.09 5.71 6.47
N VAL B 276 -12.57 6.55 5.55
CA VAL B 276 -11.79 6.86 4.37
C VAL B 276 -10.45 7.48 4.79
N GLY B 277 -9.39 7.11 4.08
CA GLY B 277 -8.08 7.66 4.32
C GLY B 277 -7.26 7.54 3.05
N ILE B 278 -5.98 7.91 3.15
CA ILE B 278 -5.04 7.84 2.04
C ILE B 278 -3.86 7.00 2.50
N TYR B 279 -3.68 5.85 1.89
N TYR B 279 -3.68 5.83 1.89
CA TYR B 279 -2.49 5.05 2.09
CA TYR B 279 -2.62 4.92 2.24
C TYR B 279 -2.52 3.96 1.05
C TYR B 279 -2.55 3.84 1.17
N PHE B 280 -1.40 3.26 0.90
N PHE B 280 -1.36 3.27 0.99
CA PHE B 280 -1.27 2.20 -0.09
CA PHE B 280 -1.11 2.27 -0.06
C PHE B 280 -1.35 2.75 -1.51
C PHE B 280 -1.52 2.81 -1.43
N GLY B 281 -1.14 4.06 -1.68
CA GLY B 281 -1.28 4.68 -2.99
C GLY B 281 -2.69 5.04 -3.40
N MET B 282 -3.66 5.00 -2.50
CA MET B 282 -5.05 5.17 -2.88
C MET B 282 -5.81 5.85 -1.76
N LYS B 283 -6.93 6.47 -2.13
CA LYS B 283 -7.93 6.95 -1.18
C LYS B 283 -9.03 5.91 -1.08
N ALA B 284 -9.19 5.33 0.10
CA ALA B 284 -10.06 4.17 0.27
C ALA B 284 -10.39 4.02 1.75
N PRO B 285 -11.46 3.29 2.09
CA PRO B 285 -11.72 3.01 3.50
C PRO B 285 -10.55 2.25 4.12
N MET B 286 -10.17 2.64 5.33
N MET B 286 -10.19 2.68 5.33
CA MET B 286 -9.16 1.88 6.02
CA MET B 286 -9.07 2.15 6.10
C MET B 286 -9.41 1.93 7.51
C MET B 286 -9.54 1.88 7.53
N MET B 287 -8.89 0.93 8.19
CA MET B 287 -8.93 0.85 9.64
C MET B 287 -7.84 1.78 10.17
N GLN B 288 -8.22 2.77 10.96
CA GLN B 288 -7.27 3.77 11.41
C GLN B 288 -7.69 4.29 12.77
N THR B 289 -6.71 4.78 13.54
CA THR B 289 -6.99 5.36 14.83
C THR B 289 -7.67 6.72 14.64
N ALA B 290 -8.13 7.30 15.75
CA ALA B 290 -8.71 8.62 15.68
C ALA B 290 -7.72 9.64 15.12
N ASP B 291 -6.42 9.42 15.33
CA ASP B 291 -5.36 10.32 14.87
C ASP B 291 -4.95 10.08 13.42
N GLY B 292 -5.49 9.07 12.77
CA GLY B 292 -5.11 8.79 11.40
C GLY B 292 -3.93 7.86 11.23
N GLN B 293 -3.52 7.17 12.29
CA GLN B 293 -2.55 6.10 12.14
C GLN B 293 -3.27 4.87 11.60
N ILE B 294 -2.58 4.11 10.74
CA ILE B 294 -3.19 2.90 10.18
C ILE B 294 -3.21 1.82 11.24
N GLU B 295 -4.38 1.23 11.45
CA GLU B 295 -4.54 0.16 12.43
C GLU B 295 -4.17 -1.18 11.83
N GLU B 296 -3.79 -2.11 12.69
CA GLU B 296 -3.56 -3.47 12.26
C GLU B 296 -4.88 -4.20 12.19
N SER B 297 -5.05 -4.99 11.13
CA SER B 297 -6.21 -5.84 10.95
C SER B 297 -5.97 -7.21 11.58
N TYR B 298 -7.02 -8.02 11.58
CA TYR B 298 -6.91 -9.41 12.03
C TYR B 298 -7.93 -10.28 11.30
N SER B 299 -7.49 -11.46 10.89
CA SER B 299 -8.39 -12.52 10.43
C SER B 299 -7.69 -13.86 10.64
N ILE B 300 -8.50 -14.90 10.86
CA ILE B 300 -7.96 -16.25 10.81
C ILE B 300 -7.32 -16.50 9.44
N SER B 301 -7.79 -15.80 8.41
CA SER B 301 -7.34 -16.00 7.04
CA SER B 301 -7.34 -16.00 7.05
C SER B 301 -6.31 -14.93 6.69
N ALA B 302 -5.06 -15.34 6.50
CA ALA B 302 -4.00 -14.40 6.17
C ALA B 302 -4.28 -13.66 4.86
N GLY B 303 -5.01 -14.28 3.94
CA GLY B 303 -5.34 -13.61 2.68
C GLY B 303 -6.36 -12.51 2.79
N LEU B 304 -7.07 -12.43 3.91
CA LEU B 304 -8.01 -11.35 4.18
C LEU B 304 -7.52 -10.39 5.25
N ASP B 305 -6.28 -10.54 5.71
CA ASP B 305 -5.78 -9.76 6.84
C ASP B 305 -5.14 -8.46 6.32
N PHE B 306 -6.02 -7.54 5.89
CA PHE B 306 -5.55 -6.29 5.27
C PHE B 306 -6.47 -5.13 5.65
N PRO B 307 -5.93 -4.06 6.26
CA PRO B 307 -6.80 -3.03 6.85
C PRO B 307 -7.34 -2.01 5.86
N SER B 308 -7.31 -2.30 4.56
CA SER B 308 -7.96 -1.45 3.57
C SER B 308 -8.68 -2.34 2.56
N VAL B 309 -9.10 -1.74 1.45
CA VAL B 309 -9.92 -2.43 0.45
C VAL B 309 -9.84 -1.61 -0.82
N GLY B 310 -10.02 -2.27 -1.96
CA GLY B 310 -9.94 -1.58 -3.24
C GLY B 310 -11.01 -0.52 -3.46
N PRO B 311 -10.65 0.53 -4.21
CA PRO B 311 -11.57 1.68 -4.33
C PRO B 311 -12.85 1.39 -5.11
N GLN B 312 -12.83 0.46 -6.06
CA GLN B 312 -14.06 0.18 -6.79
C GLN B 312 -15.12 -0.43 -5.89
N HIS B 313 -14.72 -1.23 -4.89
CA HIS B 313 -15.69 -1.73 -3.93
C HIS B 313 -16.24 -0.61 -3.06
N ALA B 314 -15.37 0.26 -2.57
CA ALA B 314 -15.85 1.42 -1.81
C ALA B 314 -16.89 2.18 -2.62
N TYR B 315 -16.64 2.36 -3.92
CA TYR B 315 -17.57 3.09 -4.77
C TYR B 315 -18.86 2.31 -4.96
N LEU B 316 -18.77 1.02 -5.32
CA LEU B 316 -19.99 0.24 -5.55
C LEU B 316 -20.87 0.20 -4.30
N ASN B 317 -20.25 0.20 -3.13
CA ASN B 317 -21.01 0.25 -1.89
C ASN B 317 -21.67 1.61 -1.72
N SER B 318 -20.93 2.69 -1.95
N SER B 318 -20.95 2.70 -1.99
CA SER B 318 -21.45 4.03 -1.71
CA SER B 318 -21.46 4.04 -1.70
C SER B 318 -22.75 4.26 -2.48
C SER B 318 -22.70 4.35 -2.52
N ILE B 319 -22.78 3.83 -3.75
CA ILE B 319 -23.96 4.03 -4.60
C ILE B 319 -24.99 2.94 -4.43
N GLY B 320 -24.73 1.93 -3.60
CA GLY B 320 -25.69 0.88 -3.33
C GLY B 320 -25.78 -0.20 -4.39
N ARG B 321 -24.85 -0.25 -5.32
CA ARG B 321 -24.89 -1.34 -6.30
C ARG B 321 -24.50 -2.67 -5.68
N ALA B 322 -23.55 -2.65 -4.75
CA ALA B 322 -23.09 -3.84 -4.06
C ALA B 322 -23.28 -3.67 -2.58
N ASP B 323 -23.53 -4.79 -1.89
CA ASP B 323 -23.68 -4.82 -0.45
C ASP B 323 -22.52 -5.60 0.16
N TYR B 324 -22.04 -5.12 1.31
CA TYR B 324 -20.91 -5.73 1.98
C TYR B 324 -21.30 -6.11 3.39
N VAL B 325 -20.86 -7.30 3.78
CA VAL B 325 -21.17 -7.90 5.07
C VAL B 325 -19.85 -8.44 5.63
N SER B 326 -19.92 -8.98 6.86
CA SER B 326 -18.76 -9.62 7.44
C SER B 326 -19.13 -10.98 8.03
N ILE B 327 -18.10 -11.83 8.11
CA ILE B 327 -18.20 -13.19 8.63
C ILE B 327 -17.03 -13.41 9.59
N THR B 328 -17.31 -13.98 10.75
CA THR B 328 -16.28 -14.14 11.76
C THR B 328 -15.44 -15.40 11.49
N ASP B 329 -14.30 -15.48 12.18
CA ASP B 329 -13.49 -16.69 12.16
C ASP B 329 -14.34 -17.94 12.33
N ASP B 330 -15.16 -17.97 13.38
CA ASP B 330 -15.85 -19.22 13.70
C ASP B 330 -16.87 -19.56 12.62
N GLU B 331 -17.53 -18.55 12.06
CA GLU B 331 -18.48 -18.81 10.99
C GLU B 331 -17.75 -19.34 9.76
N ALA B 332 -16.58 -18.78 9.47
CA ALA B 332 -15.78 -19.26 8.34
C ALA B 332 -15.34 -20.69 8.56
N LEU B 333 -14.93 -21.02 9.78
CA LEU B 333 -14.47 -22.39 10.10
C LEU B 333 -15.60 -23.39 9.91
N GLU B 334 -16.82 -23.05 10.35
CA GLU B 334 -17.94 -23.97 10.19
CA GLU B 334 -17.91 -23.99 10.19
C GLU B 334 -18.25 -24.21 8.71
N ALA B 335 -18.16 -23.15 7.89
CA ALA B 335 -18.38 -23.31 6.46
C ALA B 335 -17.29 -24.19 5.82
N PHE B 336 -16.04 -23.97 6.19
CA PHE B 336 -14.95 -24.85 5.76
C PHE B 336 -15.27 -26.31 6.05
N LYS B 337 -15.61 -26.62 7.31
CA LYS B 337 -15.92 -28.00 7.68
C LYS B 337 -17.10 -28.54 6.90
N THR B 338 -18.13 -27.71 6.73
CA THR B 338 -19.34 -28.16 6.04
C THR B 338 -19.05 -28.50 4.58
N LEU B 339 -18.23 -27.71 3.90
CA LEU B 339 -17.95 -28.02 2.51
C LEU B 339 -17.12 -29.27 2.39
N CYS B 340 -16.13 -29.44 3.29
CA CYS B 340 -15.32 -30.64 3.28
C CYS B 340 -16.19 -31.89 3.41
N ARG B 341 -17.06 -31.90 4.40
CA ARG B 341 -17.79 -33.11 4.76
CA ARG B 341 -17.79 -33.12 4.75
C ARG B 341 -18.95 -33.40 3.81
N HIS B 342 -19.54 -32.37 3.22
CA HIS B 342 -20.77 -32.58 2.47
C HIS B 342 -20.65 -32.42 0.96
N GLU B 343 -19.58 -31.82 0.47
CA GLU B 343 -19.34 -31.76 -0.96
C GLU B 343 -17.97 -32.29 -1.35
N GLY B 344 -17.12 -32.65 -0.39
CA GLY B 344 -15.81 -33.16 -0.74
C GLY B 344 -14.91 -32.13 -1.37
N ILE B 345 -15.03 -30.88 -0.95
CA ILE B 345 -14.17 -29.81 -1.45
C ILE B 345 -13.60 -29.12 -0.23
N ILE B 346 -12.27 -29.03 -0.17
CA ILE B 346 -11.58 -28.33 0.90
C ILE B 346 -11.35 -26.89 0.42
N PRO B 347 -12.04 -25.90 0.96
CA PRO B 347 -11.92 -24.54 0.45
C PRO B 347 -10.86 -23.77 1.22
N ALA B 348 -10.32 -22.75 0.54
CA ALA B 348 -9.48 -21.79 1.24
C ALA B 348 -10.28 -21.17 2.38
N LEU B 349 -9.58 -20.81 3.47
CA LEU B 349 -10.27 -20.11 4.55
C LEU B 349 -10.77 -18.72 4.11
N GLU B 350 -10.12 -18.10 3.12
CA GLU B 350 -10.63 -16.86 2.55
C GLU B 350 -12.02 -17.10 1.96
N SER B 351 -12.08 -18.04 1.00
CA SER B 351 -13.33 -18.37 0.32
C SER B 351 -14.40 -18.86 1.27
N SER B 352 -14.00 -19.52 2.36
CA SER B 352 -14.96 -20.00 3.35
C SER B 352 -15.76 -18.86 3.97
N HIS B 353 -15.20 -17.65 4.01
CA HIS B 353 -16.00 -16.50 4.44
C HIS B 353 -17.18 -16.27 3.50
N ALA B 354 -16.97 -16.36 2.18
CA ALA B 354 -18.08 -16.17 1.24
C ALA B 354 -19.11 -17.29 1.38
N LEU B 355 -18.64 -18.54 1.39
CA LEU B 355 -19.55 -19.66 1.61
C LEU B 355 -20.33 -19.50 2.90
N ALA B 356 -19.67 -19.01 3.95
CA ALA B 356 -20.36 -18.88 5.24
C ALA B 356 -21.52 -17.91 5.13
N HIS B 357 -21.36 -16.83 4.36
CA HIS B 357 -22.46 -15.90 4.22
C HIS B 357 -23.58 -16.50 3.37
N ALA B 358 -23.24 -17.23 2.31
CA ALA B 358 -24.26 -17.92 1.53
C ALA B 358 -25.06 -18.90 2.40
N LEU B 359 -24.36 -19.65 3.26
CA LEU B 359 -25.05 -20.59 4.12
C LEU B 359 -26.02 -19.86 5.03
N LYS B 360 -25.62 -18.67 5.49
CA LYS B 360 -26.48 -17.85 6.33
C LYS B 360 -27.72 -17.40 5.57
N MET B 361 -27.55 -16.95 4.32
CA MET B 361 -28.70 -16.54 3.52
C MET B 361 -29.69 -17.68 3.35
N MET B 362 -29.18 -18.90 3.18
CA MET B 362 -30.03 -20.07 3.03
CA MET B 362 -30.04 -20.06 3.03
C MET B 362 -30.71 -20.44 4.34
N ARG B 363 -29.93 -20.57 5.42
CA ARG B 363 -30.47 -21.08 6.67
C ARG B 363 -31.41 -20.09 7.33
N GLU B 364 -31.15 -18.79 7.18
CA GLU B 364 -32.00 -17.77 7.80
C GLU B 364 -33.39 -17.72 7.17
N GLN B 365 -33.49 -18.03 5.88
CA GLN B 365 -34.75 -17.96 5.13
C GLN B 365 -34.86 -19.19 4.24
N PRO B 366 -35.09 -20.35 4.85
CA PRO B 366 -34.97 -21.62 4.10
C PRO B 366 -36.05 -21.85 3.06
N GLU B 367 -37.17 -21.14 3.12
CA GLU B 367 -38.19 -21.25 2.09
CA GLU B 367 -38.21 -21.23 2.10
C GLU B 367 -38.12 -20.12 1.08
N LYS B 368 -37.05 -19.32 1.10
CA LYS B 368 -36.85 -18.31 0.08
C LYS B 368 -36.19 -18.95 -1.13
N GLU B 369 -36.84 -18.82 -2.28
CA GLU B 369 -36.30 -19.37 -3.52
C GLU B 369 -35.22 -18.42 -4.03
N GLN B 370 -33.98 -18.91 -4.10
CA GLN B 370 -32.87 -18.06 -4.51
C GLN B 370 -31.80 -18.90 -5.19
N LEU B 371 -31.24 -18.32 -6.24
CA LEU B 371 -30.16 -18.92 -7.01
C LEU B 371 -28.90 -18.11 -6.70
N LEU B 372 -27.93 -18.74 -6.05
CA LEU B 372 -26.75 -18.06 -5.57
C LEU B 372 -25.51 -18.67 -6.19
N VAL B 373 -24.50 -17.83 -6.40
CA VAL B 373 -23.18 -18.28 -6.82
C VAL B 373 -22.18 -17.74 -5.81
N VAL B 374 -21.35 -18.65 -5.27
CA VAL B 374 -20.24 -18.28 -4.41
C VAL B 374 -18.96 -18.45 -5.21
N ASN B 375 -18.08 -17.45 -5.17
CA ASN B 375 -16.79 -17.57 -5.83
C ASN B 375 -15.88 -18.37 -4.90
N LEU B 376 -15.57 -19.61 -5.27
CA LEU B 376 -14.65 -20.42 -4.47
CA LEU B 376 -14.65 -20.43 -4.50
C LEU B 376 -13.24 -20.04 -4.94
N SER B 377 -12.75 -18.95 -4.35
CA SER B 377 -11.54 -18.29 -4.85
C SER B 377 -10.29 -19.16 -4.75
N GLY B 378 -10.23 -20.12 -3.82
CA GLY B 378 -9.07 -20.99 -3.75
C GLY B 378 -9.34 -22.29 -3.02
N ARG B 379 -8.38 -23.20 -3.11
CA ARG B 379 -8.45 -24.43 -2.36
C ARG B 379 -7.74 -24.26 -1.02
N GLY B 380 -8.08 -25.14 -0.08
CA GLY B 380 -7.70 -24.95 1.31
C GLY B 380 -6.54 -25.81 1.76
N ASP B 381 -5.81 -26.38 0.79
CA ASP B 381 -4.62 -27.17 1.10
C ASP B 381 -3.67 -26.41 2.01
N LYS B 382 -3.48 -25.11 1.76
CA LYS B 382 -2.56 -24.30 2.56
C LYS B 382 -3.05 -24.13 3.99
N ASP B 383 -4.31 -24.40 4.26
CA ASP B 383 -4.94 -24.05 5.54
C ASP B 383 -5.16 -25.25 6.45
N ILE B 384 -4.76 -26.45 6.05
CA ILE B 384 -5.16 -27.63 6.82
C ILE B 384 -4.44 -27.67 8.15
N PHE B 385 -3.24 -27.12 8.23
CA PHE B 385 -2.52 -27.09 9.51
C PHE B 385 -3.12 -26.05 10.45
N THR B 386 -3.38 -24.85 9.95
CA THR B 386 -4.07 -23.84 10.75
C THR B 386 -5.36 -24.42 11.33
N VAL B 387 -6.17 -25.04 10.47
CA VAL B 387 -7.43 -25.60 10.93
C VAL B 387 -7.20 -26.72 11.94
N HIS B 388 -6.19 -27.56 11.69
CA HIS B 388 -5.92 -28.66 12.62
C HIS B 388 -5.59 -28.14 14.00
N ASP B 389 -4.70 -27.15 14.08
CA ASP B 389 -4.28 -26.63 15.37
C ASP B 389 -5.43 -25.95 16.09
N ILE B 390 -6.40 -25.43 15.35
CA ILE B 390 -7.59 -24.87 15.99
C ILE B 390 -8.47 -26.00 16.52
N LEU B 391 -8.76 -27.00 15.68
CA LEU B 391 -9.62 -28.08 16.13
C LEU B 391 -8.99 -28.86 17.28
N LYS B 392 -7.66 -28.95 17.33
CA LYS B 392 -7.03 -29.64 18.45
C LYS B 392 -7.12 -28.80 19.72
N ALA B 393 -7.03 -27.48 19.59
CA ALA B 393 -7.09 -26.61 20.76
C ALA B 393 -8.50 -26.55 21.35
N ARG B 394 -9.53 -26.77 20.52
CA ARG B 394 -10.91 -26.75 20.99
CA ARG B 394 -10.91 -26.76 20.99
C ARG B 394 -11.42 -28.15 21.34
N GLY B 395 -10.52 -29.11 21.56
CA GLY B 395 -10.93 -30.45 21.93
C GLY B 395 -11.80 -31.14 20.92
N GLU B 396 -11.85 -30.66 19.68
CA GLU B 396 -12.68 -31.24 18.65
C GLU B 396 -11.97 -32.33 17.86
N ILE B 397 -10.67 -32.51 18.04
CA ILE B 397 -9.93 -33.63 17.46
C ILE B 397 -8.89 -34.15 18.43
S DMS C . 3.09 31.03 8.96
O DMS C . 4.12 31.58 9.91
C1 DMS C . 3.22 31.87 7.36
C2 DMS C . 1.45 31.61 9.49
H11 DMS C . 2.33 31.72 6.81
H12 DMS C . 3.37 32.91 7.51
H13 DMS C . 4.04 31.47 6.82
H21 DMS C . 0.85 31.78 8.64
H22 DMS C . 1.00 30.87 10.10
H23 DMS C . 1.55 32.51 10.04
S DMS D . 3.74 30.98 0.33
O DMS D . 2.47 31.10 1.12
C1 DMS D . 3.69 32.07 -1.12
C2 DMS D . 5.12 31.75 1.23
H11 DMS D . 4.64 32.11 -1.57
H12 DMS D . 2.97 31.71 -1.82
H13 DMS D . 3.41 33.05 -0.83
H21 DMS D . 4.85 32.73 1.53
H22 DMS D . 5.97 31.79 0.61
H23 DMS D . 5.34 31.16 2.09
S DMS E . -5.70 18.70 12.92
O DMS E . -5.16 18.54 11.54
C1 DMS E . -4.69 19.91 13.82
C2 DMS E . -7.28 19.60 12.85
H11 DMS E . -5.28 20.76 14.05
H12 DMS E . -3.88 20.21 13.21
H13 DMS E . -4.32 19.48 14.71
H21 DMS E . -7.64 19.75 13.84
H22 DMS E . -7.12 20.55 12.39
H23 DMS E . -7.98 19.04 12.29
C3 1GP F . 14.25 14.18 4.85
O3 1GP F . 15.08 12.11 5.71
C2 1GP F . 14.92 12.85 4.52
O2 1GP F . 13.67 14.73 3.69
C1 1GP F . 16.28 13.09 3.89
O1P 1GP F . 16.77 11.86 3.40
O2P 1GP F . 18.48 9.95 3.39
O3P 1GP F . 18.99 12.05 4.58
O4P 1GP F . 17.28 10.51 5.47
P 1GP F . 17.90 11.07 4.22
H31 1GP F . 13.47 14.02 5.60
H32 1GP F . 14.97 14.87 5.27
HO3 1GP F . 15.81 11.46 5.60
H2 1GP F . 14.30 12.31 3.81
HO2 1GP F . 13.43 14.00 3.07
H11 1GP F . 16.97 13.51 4.62
H12 1GP F . 16.19 13.81 3.07
S DMS G . -3.97 12.47 -11.82
O DMS G . -4.46 12.74 -13.20
C1 DMS G . -5.17 11.52 -10.84
C2 DMS G . -2.61 11.28 -11.93
H11 DMS G . -6.15 11.73 -11.19
H12 DMS G . -5.10 11.81 -9.82
H13 DMS G . -4.98 10.50 -10.94
H21 DMS G . -1.72 11.77 -12.22
H22 DMS G . -2.85 10.54 -12.65
H23 DMS G . -2.46 10.83 -10.99
C05 VCP H . -8.58 -12.34 -0.95
C06 VCP H . -8.26 -13.77 -1.26
C07 VCP H . -6.96 -14.27 -1.18
C08 VCP H . -5.94 -13.46 -0.81
C10 VCP H . -3.60 -12.83 -0.87
C11 VCP H . -3.79 -11.43 -0.40
C12 VCP H . -3.87 -10.44 -1.57
C13 VCP H . -4.07 -9.10 -0.98
C14 VCP H . -2.96 -8.28 -1.27
C16 VCP H . -2.51 -10.28 -2.27
C18 VCP H . -2.92 -6.97 -0.82
C19 VCP H . -3.99 -6.51 -0.04
C20 VCP H . -5.08 -7.33 0.25
C21 VCP H . -5.12 -8.64 -0.22
C22 VCP H . -2.37 -13.56 -0.31
C25 VCP H . -6.72 -15.61 -1.47
C27 VCP H . -7.78 -16.43 -1.85
C28 VCP H . -7.55 -17.87 -2.18
C30 VCP H . -9.28 -14.63 -1.64
N09 VCP H . -4.73 -13.66 -1.25
N15 VCP H . -1.98 -8.92 -2.05
N29 VCP H . -9.01 -15.91 -1.92
O01 VCP H . -9.91 -9.77 -1.64
O03 VCP H . -8.34 -9.55 -3.49
O04 VCP H . -8.07 -11.51 -1.95
O17 VCP H . -1.96 -11.14 -2.89
O23 VCP H . -2.34 -13.89 0.89
O24 VCP H . -1.40 -13.82 -1.06
O26 VCP H . -5.48 -16.13 -1.40
P02 VCP H . -9.11 -10.50 -2.66
H052 VCP H . -8.18 -12.10 -0.09
H051 VCP H . -9.54 -12.23 -0.90
H081 VCP H . -6.10 -12.76 -0.22
H111 VCP H . -3.03 -11.19 0.15
H112 VCP H . -4.61 -11.39 0.11
H121 VCP H . -4.56 -10.76 -2.17
H181 VCP H . -2.20 -6.43 -1.02
H191 VCP H . -3.96 -5.63 0.27
H201 VCP H . -5.78 -6.99 0.76
H211 VCP H . -5.85 -9.20 -0.03
H281 VCP H . -6.61 -18.07 -2.11
H282 VCP H . -7.86 -18.05 -3.07
H283 VCP H . -8.05 -18.42 -1.55
H301 VCP H . -10.15 -14.32 -1.70
H151 VCP H . -1.24 -8.59 -2.34
O31 VCP H . -10.02 -11.28 -3.53
H091 VCP H . -4.60 -14.32 -1.79
H291 VCP H . -9.66 -16.43 -2.15
C05 VCS I . -8.38 -12.27 -1.05
C06 VCS I . -8.12 -13.73 -1.32
C07 VCS I . -6.82 -14.25 -1.38
C08 VCS I . -5.76 -13.41 -1.19
C10 VCS I . -3.41 -12.96 -1.01
C11 VCS I . -3.50 -11.58 -0.49
C12 VCS I . -3.48 -10.53 -1.60
C13 VCS I . -3.82 -9.22 -1.00
C14 VCS I . -2.75 -8.33 -1.16
C16 VCS I . -2.07 -10.25 -2.15
C18 VCS I . -2.82 -7.04 -0.67
C19 VCS I . -3.98 -6.65 0.01
C20 VCS I . -5.05 -7.55 0.17
C21 VCS I . -4.97 -8.85 -0.34
C22 VCS I . -2.02 -13.62 -1.01
C25 VCS I . -6.66 -15.62 -1.65
C27 VCS I . -7.78 -16.42 -1.82
C28 VCS I . -7.63 -17.88 -2.11
C30 VCS I . -9.19 -14.58 -1.52
N09 VCS I . -4.54 -13.85 -1.20
N15 VCS I . -1.65 -8.87 -1.85
N29 VCS I . -9.00 -15.88 -1.76
O01 VCS I . -7.75 -9.74 -3.80
O03 VCS I . -9.41 -11.51 -3.83
O04 VCS I . -7.72 -11.45 -1.98
O17 VCS I . -1.40 -11.03 -2.75
O23 VCS I . -1.92 -14.81 -1.34
O24 VCS I . -1.03 -12.94 -0.68
O26 VCS I . -5.43 -16.18 -1.72
P02 VCS I . -8.62 -10.58 -2.96
O31 VCS I . -9.54 -9.75 -2.14
H052 VCS I . -8.07 -12.06 -0.15
H051 VCS I . -9.33 -12.11 -1.10
H081 VCS I . -5.92 -12.51 -1.06
H111 VCS I . -2.76 -11.42 0.10
H112 VCS I . -4.34 -11.49 -0.01
H121 VCS I . -4.08 -10.87 -2.30
H181 VCS I . -2.11 -6.45 -0.77
H191 VCS I . -4.05 -5.80 0.35
H201 VCS I . -5.81 -7.27 0.61
H211 VCS I . -5.68 -9.45 -0.24
H281 VCS I . -6.70 -18.12 -2.11
H282 VCS I . -8.02 -18.09 -2.97
H283 VCS I . -8.09 -18.39 -1.41
H301 VCS I . -10.06 -14.24 -1.48
H151 VCS I . -0.90 -8.49 -2.05
H091 VCS I . -4.39 -14.69 -1.31
H291 VCS I . -9.68 -16.39 -1.87
NA NA J . -9.38 -5.64 3.61
S DMS K . -9.12 10.35 -17.76
O DMS K . -10.37 9.68 -18.25
C1 DMS K . -9.53 11.40 -16.33
C2 DMS K . -8.57 11.60 -18.96
H11 DMS K . -10.18 12.18 -16.65
H12 DMS K . -10.00 10.82 -15.59
H13 DMS K . -8.63 11.83 -15.95
H21 DMS K . -9.28 12.39 -18.99
H22 DMS K . -7.64 11.99 -18.66
H23 DMS K . -8.49 11.17 -19.91
S DMS L . -11.47 13.82 -7.40
O DMS L . -11.63 12.93 -8.59
C1 DMS L . -12.12 15.46 -7.80
C2 DMS L . -12.67 13.33 -6.11
H11 DMS L . -13.13 15.37 -8.10
H12 DMS L . -12.05 16.09 -6.95
H13 DMS L . -11.56 15.88 -8.59
H21 DMS L . -13.65 13.56 -6.45
H22 DMS L . -12.59 12.29 -5.94
H23 DMS L . -12.46 13.86 -5.22
S DMS M . 13.62 -2.23 0.21
O DMS M . 13.52 -0.75 0.39
C1 DMS M . 12.46 -3.02 1.35
C2 DMS M . 15.20 -2.81 0.89
H11 DMS M . 12.76 -2.84 2.36
H12 DMS M . 12.45 -4.07 1.18
H13 DMS M . 11.49 -2.63 1.20
H21 DMS M . 15.23 -2.65 1.94
H22 DMS M . 15.32 -3.84 0.69
H23 DMS M . 16.00 -2.27 0.44
S DMS N . -18.10 -21.17 -20.45
O DMS N . -16.69 -20.69 -20.36
C1 DMS N . -18.11 -22.88 -21.06
C2 DMS N . -18.95 -20.32 -21.81
H11 DMS N . -17.99 -22.87 -22.12
H12 DMS N . -19.03 -23.34 -20.82
H13 DMS N . -17.32 -23.42 -20.63
H21 DMS N . -19.97 -20.58 -21.81
H22 DMS N . -18.51 -20.61 -22.73
H23 DMS N . -18.84 -19.27 -21.69
S DMS O . 15.71 2.49 -9.94
O DMS O . 15.12 1.54 -10.95
C1 DMS O . 16.11 4.05 -10.77
C2 DMS O . 17.39 1.96 -9.53
H11 DMS O . 16.88 3.88 -11.47
H12 DMS O . 16.44 4.75 -10.06
H13 DMS O . 15.25 4.42 -11.27
H21 DMS O . 18.02 2.06 -10.38
H22 DMS O . 17.37 0.93 -9.24
H23 DMS O . 17.77 2.54 -8.73
S DMS P . -10.70 -0.71 -18.99
O DMS P . -9.92 -0.99 -20.25
C1 DMS P . -11.25 1.02 -18.98
C2 DMS P . -12.34 -1.50 -19.03
H11 DMS P . -11.69 1.26 -19.91
H12 DMS P . -10.43 1.66 -18.79
H13 DMS P . -11.98 1.15 -18.21
H21 DMS P . -12.94 -1.03 -19.77
H22 DMS P . -12.23 -2.53 -19.26
H23 DMS P . -12.80 -1.41 -18.08
S DMS Q . -8.92 -13.42 -22.96
O DMS Q . -7.48 -13.22 -22.59
C1 DMS Q . -9.50 -11.96 -23.87
C2 DMS Q . -9.94 -13.31 -21.47
H11 DMS Q . -9.51 -11.12 -23.24
H12 DMS Q . -10.49 -12.14 -24.23
H13 DMS Q . -8.86 -11.79 -24.70
H21 DMS Q . -10.96 -13.47 -21.72
H22 DMS Q . -9.84 -12.35 -21.04
H23 DMS Q . -9.64 -14.05 -20.77
S DMS R . -4.68 -9.91 17.30
O DMS R . -5.63 -11.04 17.52
C1 DMS R . -3.42 -10.39 16.07
C2 DMS R . -3.64 -9.73 18.77
H11 DMS R . -2.89 -11.23 16.44
H12 DMS R . -2.77 -9.58 15.92
H13 DMS R . -3.90 -10.63 15.16
H21 DMS R . -3.05 -10.60 18.89
H22 DMS R . -3.01 -8.88 18.65
H23 DMS R . -4.25 -9.60 19.63
S DMS S . -32.14 -24.98 -19.18
O DMS S . -32.04 -24.91 -17.70
C1 DMS S . -31.16 -23.65 -19.93
C2 DMS S . -31.25 -26.43 -19.81
H11 DMS S . -30.22 -23.58 -19.44
H12 DMS S . -31.00 -23.86 -20.95
H13 DMS S . -31.68 -22.73 -19.84
H21 DMS S . -31.23 -26.41 -20.87
H22 DMS S . -30.26 -26.42 -19.44
H23 DMS S . -31.74 -27.31 -19.48
S DMS T . 1.09 -25.04 -7.24
O DMS T . 1.74 -24.55 -6.00
C1 DMS T . 0.53 -26.75 -6.98
C2 DMS T . 2.31 -25.29 -8.56
H11 DMS T . -0.10 -27.04 -7.77
H12 DMS T . 1.37 -27.39 -6.94
H13 DMS T . 0.00 -26.81 -6.07
H21 DMS T . 1.82 -25.53 -9.47
H22 DMS T . 2.94 -26.11 -8.30
H23 DMS T . 2.89 -24.42 -8.68
#